data_5CIR
#
_entry.id   5CIR
#
_cell.length_a   84.600
_cell.length_b   87.600
_cell.length_c   107.700
_cell.angle_alpha   90.000
_cell.angle_beta   90.000
_cell.angle_gamma   90.000
#
_symmetry.space_group_name_H-M   'P 21 21 21'
#
loop_
_entity.id
_entity.type
_entity.pdbx_description
1 polymer 'Tumor necrosis factor ligand superfamily member 10'
2 polymer 'Tumor necrosis factor receptor superfamily member 10A'
3 non-polymer 'ZINC ION'
4 non-polymer 'CHLORIDE ION'
5 water water
#
loop_
_entity_poly.entity_id
_entity_poly.type
_entity_poly.pdbx_seq_one_letter_code
_entity_poly.pdbx_strand_id
1 'polypeptide(L)'
;MVRERGPQRVAAHITGTRGRSNTLSSPNSKNEKALGRKINSWESSRSGHSFLSNLHLRNGELVIHEKGFYYIYSQTYFRF
QEEIKENTKNDKQMVQYIYKYTSYPDPILLMKSARNSCWSKDAEYGLYSIYQGGIFELKENDRIFVSVTNEHLIDMDHEA
SFFGAFLVG
;
A,B,D
2 'polypeptide(L)'
;HSPLGELCPPGSHRSERPGACNRCTEGVGYTNASNNLFACLPCTACKSDEEERSPCTTTRNTACQCKPGTFRNDNSAEMC
RKCSTGCPRGMVKVKDCTPWSDIECVHK
;
E,F,G
#
# COMPACT_ATOMS: atom_id res chain seq x y z
N PRO A 7 -18.06 11.75 -20.96
CA PRO A 7 -19.11 11.08 -21.75
C PRO A 7 -18.81 9.61 -22.00
N GLN A 8 -17.64 9.35 -22.57
CA GLN A 8 -17.10 8.05 -22.94
C GLN A 8 -16.00 7.66 -21.94
N ARG A 9 -16.15 8.10 -20.66
CA ARG A 9 -15.22 7.77 -19.57
C ARG A 9 -15.60 6.42 -18.95
N VAL A 10 -14.62 5.50 -18.84
CA VAL A 10 -14.86 4.15 -18.31
C VAL A 10 -14.09 4.02 -16.99
N ALA A 11 -14.80 4.20 -15.88
CA ALA A 11 -14.20 4.13 -14.54
C ALA A 11 -15.24 4.03 -13.45
N ALA A 12 -14.84 3.58 -12.27
CA ALA A 12 -15.69 3.48 -11.08
C ALA A 12 -14.85 3.57 -9.82
N HIS A 13 -15.48 4.08 -8.75
CA HIS A 13 -14.92 4.17 -7.40
C HIS A 13 -16.11 4.02 -6.47
N ILE A 14 -16.19 2.89 -5.79
CA ILE A 14 -17.32 2.57 -4.90
C ILE A 14 -16.77 2.39 -3.48
N THR A 15 -17.52 2.85 -2.48
CA THR A 15 -17.05 2.87 -1.09
C THR A 15 -17.97 2.18 -0.12
N GLY A 16 -17.47 1.90 1.07
CA GLY A 16 -18.21 1.23 2.12
C GLY A 16 -19.41 1.99 2.62
N THR A 17 -20.40 1.22 3.13
CA THR A 17 -21.62 1.64 3.81
C THR A 17 -21.80 0.78 5.05
N ARG A 18 -22.05 1.47 6.22
CA ARG A 18 -22.26 0.87 7.56
C ARG A 18 -23.76 0.51 7.77
N GLU A 32 -17.81 -18.34 -3.61
CA GLU A 32 -17.87 -19.75 -3.97
C GLU A 32 -16.59 -20.49 -3.57
N LYS A 33 -15.77 -20.89 -4.59
CA LYS A 33 -14.49 -21.53 -4.34
C LYS A 33 -13.42 -20.43 -3.99
N ALA A 34 -13.90 -19.19 -3.89
CA ALA A 34 -13.12 -18.00 -3.56
C ALA A 34 -12.69 -18.00 -2.09
N LEU A 35 -11.45 -17.57 -1.82
CA LEU A 35 -10.94 -17.47 -0.45
C LEU A 35 -11.52 -16.23 0.21
N GLY A 36 -11.60 -16.24 1.55
CA GLY A 36 -12.17 -15.12 2.30
C GLY A 36 -13.68 -14.98 2.07
N ARG A 37 -14.23 -13.80 2.35
CA ARG A 37 -15.65 -13.55 2.17
C ARG A 37 -15.87 -12.28 1.38
N LYS A 38 -16.69 -12.35 0.35
CA LYS A 38 -16.95 -11.25 -0.53
C LYS A 38 -17.55 -10.04 0.16
N ILE A 39 -16.99 -8.86 -0.08
CA ILE A 39 -17.59 -7.63 0.45
C ILE A 39 -18.74 -7.32 -0.50
N ASN A 40 -19.98 -7.22 0.01
CA ASN A 40 -21.10 -6.90 -0.90
C ASN A 40 -21.81 -5.61 -0.56
N SER A 41 -21.34 -4.89 0.45
CA SER A 41 -21.94 -3.64 0.91
C SER A 41 -21.27 -2.35 0.39
N TRP A 42 -21.04 -2.28 -0.94
CA TRP A 42 -20.46 -1.08 -1.55
C TRP A 42 -21.60 -0.09 -1.94
N GLU A 43 -21.36 1.25 -1.95
CA GLU A 43 -22.30 2.30 -2.42
C GLU A 43 -21.72 3.03 -3.67
N SER A 44 -22.56 3.32 -4.66
CA SER A 44 -22.08 3.85 -5.94
C SER A 44 -22.62 5.17 -6.43
N SER A 45 -23.45 5.84 -5.65
CA SER A 45 -24.15 7.01 -6.17
C SER A 45 -23.92 8.37 -5.50
N ARG A 46 -23.05 8.48 -4.48
CA ARG A 46 -22.81 9.76 -3.81
C ARG A 46 -21.88 10.68 -4.62
N SER A 47 -22.46 11.70 -5.29
CA SER A 47 -21.68 12.64 -6.08
C SER A 47 -20.54 13.35 -5.30
N GLY A 48 -19.32 13.13 -5.76
CA GLY A 48 -18.14 13.69 -5.14
C GLY A 48 -17.34 12.66 -4.34
N HIS A 49 -18.01 11.58 -3.84
CA HIS A 49 -17.42 10.49 -3.05
C HIS A 49 -17.30 9.13 -3.82
N SER A 50 -18.38 8.70 -4.46
CA SER A 50 -18.40 7.46 -5.23
C SER A 50 -19.16 7.65 -6.54
N PHE A 51 -18.86 6.82 -7.56
CA PHE A 51 -19.49 6.91 -8.88
C PHE A 51 -19.28 5.67 -9.71
N LEU A 52 -20.05 5.55 -10.78
CA LEU A 52 -19.95 4.50 -11.78
C LEU A 52 -20.06 5.15 -13.13
N SER A 53 -19.13 4.90 -14.01
CA SER A 53 -19.19 5.44 -15.34
C SER A 53 -18.87 4.31 -16.31
N ASN A 54 -19.90 3.78 -16.99
CA ASN A 54 -19.76 2.71 -17.98
C ASN A 54 -19.29 1.41 -17.39
N LEU A 55 -19.81 1.13 -16.21
CA LEU A 55 -19.62 -0.07 -15.42
C LEU A 55 -20.83 -0.06 -14.50
N HIS A 56 -21.20 -1.21 -13.97
CA HIS A 56 -22.28 -1.23 -13.00
C HIS A 56 -22.00 -2.21 -11.87
N LEU A 57 -22.74 -2.06 -10.79
CA LEU A 57 -22.56 -2.88 -9.60
C LEU A 57 -23.70 -3.88 -9.44
N ARG A 58 -23.36 -5.11 -9.07
CA ARG A 58 -24.34 -6.16 -8.87
C ARG A 58 -23.81 -7.12 -7.85
N ASN A 59 -24.48 -7.18 -6.69
CA ASN A 59 -24.12 -8.08 -5.59
C ASN A 59 -22.68 -7.87 -5.15
N GLY A 60 -22.26 -6.60 -5.11
CA GLY A 60 -20.91 -6.22 -4.71
C GLY A 60 -19.84 -6.49 -5.76
N GLU A 61 -20.23 -6.82 -7.00
CA GLU A 61 -19.30 -7.09 -8.07
C GLU A 61 -19.43 -6.02 -9.12
N LEU A 62 -18.29 -5.47 -9.54
CA LEU A 62 -18.24 -4.51 -10.63
C LEU A 62 -18.31 -5.29 -11.93
N VAL A 63 -19.24 -4.90 -12.82
CA VAL A 63 -19.48 -5.54 -14.10
C VAL A 63 -18.94 -4.70 -15.25
N ILE A 64 -18.15 -5.33 -16.10
CA ILE A 64 -17.50 -4.70 -17.26
C ILE A 64 -18.42 -4.61 -18.45
N HIS A 65 -18.39 -3.45 -19.12
CA HIS A 65 -19.20 -3.18 -20.31
C HIS A 65 -18.31 -3.20 -21.55
N GLU A 66 -17.17 -2.49 -21.48
CA GLU A 66 -16.21 -2.34 -22.57
C GLU A 66 -14.97 -3.23 -22.33
N LYS A 67 -14.66 -4.14 -23.27
CA LYS A 67 -13.47 -4.99 -23.21
C LYS A 67 -12.21 -4.11 -23.17
N GLY A 68 -11.19 -4.52 -22.41
CA GLY A 68 -9.95 -3.74 -22.33
C GLY A 68 -9.03 -4.04 -21.16
N PHE A 69 -7.99 -3.21 -21.05
CA PHE A 69 -7.04 -3.26 -19.95
C PHE A 69 -7.54 -2.33 -18.87
N TYR A 70 -7.72 -2.87 -17.66
CA TYR A 70 -8.21 -2.08 -16.53
C TYR A 70 -7.23 -2.08 -15.40
N TYR A 71 -6.98 -0.90 -14.84
CA TYR A 71 -6.17 -0.83 -13.63
C TYR A 71 -7.25 -1.01 -12.55
N ILE A 72 -7.15 -2.10 -11.77
CA ILE A 72 -8.13 -2.40 -10.71
C ILE A 72 -7.47 -2.18 -9.39
N TYR A 73 -8.18 -1.61 -8.42
CA TYR A 73 -7.59 -1.36 -7.10
C TYR A 73 -8.62 -1.46 -5.99
N SER A 74 -8.13 -1.63 -4.76
CA SER A 74 -9.00 -1.71 -3.58
C SER A 74 -8.22 -1.41 -2.33
N GLN A 75 -8.88 -0.73 -1.40
CA GLN A 75 -8.31 -0.50 -0.08
C GLN A 75 -9.30 -1.06 0.89
N THR A 76 -8.83 -1.89 1.82
CA THR A 76 -9.69 -2.48 2.87
C THR A 76 -9.06 -2.19 4.21
N TYR A 77 -9.83 -1.55 5.10
CA TYR A 77 -9.36 -1.17 6.44
C TYR A 77 -9.73 -2.17 7.55
N PHE A 78 -8.73 -2.83 8.10
CA PHE A 78 -8.92 -3.74 9.21
C PHE A 78 -8.66 -2.91 10.45
N ARG A 79 -9.69 -2.72 11.25
CA ARG A 79 -9.61 -1.89 12.45
C ARG A 79 -10.27 -2.64 13.57
N PHE A 80 -9.53 -2.86 14.64
CA PHE A 80 -10.06 -3.60 15.77
C PHE A 80 -9.38 -3.23 17.08
N GLN A 81 -10.18 -3.20 18.12
CA GLN A 81 -9.76 -2.98 19.50
C GLN A 81 -9.74 -4.42 19.98
N GLU A 82 -8.64 -4.93 20.55
CA GLU A 82 -8.76 -6.31 20.96
C GLU A 82 -7.79 -6.63 21.95
N GLU A 83 -8.26 -6.81 23.17
CA GLU A 83 -7.44 -7.16 24.31
C GLU A 83 -7.41 -8.69 24.35
N ILE A 84 -6.20 -9.25 24.53
CA ILE A 84 -5.97 -10.69 24.56
C ILE A 84 -6.83 -11.39 25.63
N LYS A 85 -7.04 -12.69 25.43
CA LYS A 85 -7.79 -13.53 26.33
C LYS A 85 -6.79 -14.56 26.82
N GLU A 86 -6.56 -14.56 28.14
CA GLU A 86 -5.60 -15.41 28.84
C GLU A 86 -5.83 -16.92 28.56
N ASN A 87 -5.17 -17.41 27.48
CA ASN A 87 -5.13 -18.77 26.95
C ASN A 87 -4.28 -18.74 25.65
N THR A 88 -4.91 -19.00 24.49
CA THR A 88 -4.32 -19.04 23.14
C THR A 88 -3.92 -17.67 22.55
N LYS A 89 -3.33 -17.69 21.32
CA LYS A 89 -2.88 -16.52 20.57
C LYS A 89 -3.95 -15.93 19.65
N ASN A 90 -4.00 -14.58 19.63
CA ASN A 90 -4.93 -13.73 18.89
C ASN A 90 -4.24 -13.19 17.57
N ASP A 91 -3.33 -13.99 16.95
CA ASP A 91 -2.60 -13.68 15.71
C ASP A 91 -3.58 -13.66 14.51
N LYS A 92 -3.66 -12.52 13.83
CA LYS A 92 -4.58 -12.36 12.73
C LYS A 92 -3.92 -12.24 11.37
N GLN A 93 -4.50 -12.93 10.38
CA GLN A 93 -4.03 -12.89 9.00
C GLN A 93 -5.06 -12.05 8.25
N MET A 94 -4.66 -10.86 7.82
CA MET A 94 -5.53 -9.94 7.15
C MET A 94 -5.17 -9.96 5.68
N VAL A 95 -6.04 -10.56 4.89
CA VAL A 95 -5.80 -10.76 3.48
C VAL A 95 -6.87 -10.12 2.64
N GLN A 96 -6.46 -9.37 1.60
CA GLN A 96 -7.37 -8.76 0.67
C GLN A 96 -7.20 -9.52 -0.66
N TYR A 97 -8.30 -10.03 -1.21
CA TYR A 97 -8.26 -10.74 -2.49
C TYR A 97 -9.11 -10.02 -3.50
N ILE A 98 -8.62 -9.92 -4.72
CA ILE A 98 -9.36 -9.36 -5.82
C ILE A 98 -9.52 -10.45 -6.88
N TYR A 99 -10.79 -10.83 -7.12
CA TYR A 99 -11.16 -11.89 -8.04
C TYR A 99 -11.92 -11.41 -9.24
N LYS A 100 -11.93 -12.25 -10.27
CA LYS A 100 -12.77 -12.01 -11.44
C LYS A 100 -13.54 -13.27 -11.75
N TYR A 101 -14.78 -13.10 -12.23
CA TYR A 101 -15.66 -14.14 -12.72
C TYR A 101 -15.70 -13.85 -14.21
N THR A 102 -15.34 -14.85 -14.99
CA THR A 102 -15.36 -14.72 -16.43
C THR A 102 -16.18 -15.90 -16.95
N SER A 103 -15.91 -16.31 -18.19
CA SER A 103 -16.47 -17.45 -18.89
C SER A 103 -15.66 -18.67 -18.40
N TYR A 104 -15.94 -19.04 -17.13
CA TYR A 104 -15.36 -20.15 -16.41
C TYR A 104 -16.13 -20.32 -15.10
N PRO A 105 -16.48 -21.57 -14.72
CA PRO A 105 -17.26 -21.80 -13.49
C PRO A 105 -16.71 -21.24 -12.19
N ASP A 106 -15.39 -21.31 -11.97
CA ASP A 106 -14.77 -20.80 -10.75
C ASP A 106 -14.23 -19.35 -10.84
N PRO A 107 -14.24 -18.61 -9.71
CA PRO A 107 -13.66 -17.27 -9.72
C PRO A 107 -12.13 -17.37 -9.83
N ILE A 108 -11.49 -16.45 -10.56
CA ILE A 108 -10.04 -16.45 -10.80
C ILE A 108 -9.34 -15.35 -10.03
N LEU A 109 -8.40 -15.69 -9.16
CA LEU A 109 -7.67 -14.69 -8.37
C LEU A 109 -6.77 -13.84 -9.22
N LEU A 110 -6.94 -12.51 -9.14
CA LEU A 110 -6.09 -11.56 -9.87
C LEU A 110 -4.98 -11.05 -8.95
N MET A 111 -5.34 -10.66 -7.72
CA MET A 111 -4.38 -10.13 -6.77
C MET A 111 -4.66 -10.49 -5.32
N LYS A 112 -3.60 -10.64 -4.50
CA LYS A 112 -3.73 -10.83 -3.04
C LYS A 112 -2.71 -10.00 -2.32
N SER A 113 -3.07 -9.44 -1.19
CA SER A 113 -2.19 -8.62 -0.38
C SER A 113 -2.44 -8.99 1.06
N ALA A 114 -1.40 -9.38 1.78
CA ALA A 114 -1.55 -9.90 3.13
C ALA A 114 -0.72 -9.18 4.16
N ARG A 115 -1.24 -9.15 5.40
CA ARG A 115 -0.64 -8.56 6.56
C ARG A 115 -0.99 -9.41 7.74
N ASN A 116 -0.10 -9.48 8.70
CA ASN A 116 -0.35 -10.22 9.94
C ASN A 116 -0.38 -9.16 11.06
N SER A 117 -1.20 -9.38 12.09
CA SER A 117 -1.23 -8.42 13.19
C SER A 117 0.06 -8.56 14.06
N CYS A 118 0.32 -7.58 14.93
CA CYS A 118 1.45 -7.51 15.88
C CYS A 118 1.34 -8.67 16.88
N TRP A 119 2.35 -9.51 16.95
CA TRP A 119 2.38 -10.68 17.83
C TRP A 119 2.54 -10.32 19.34
N SER A 120 2.95 -9.07 19.65
CA SER A 120 3.15 -8.62 21.03
C SER A 120 1.87 -8.74 21.86
N LYS A 121 2.01 -9.29 23.09
CA LYS A 121 0.88 -9.46 23.98
C LYS A 121 0.52 -8.14 24.63
N ASP A 122 1.37 -7.10 24.47
CA ASP A 122 1.11 -5.74 24.95
C ASP A 122 0.15 -4.99 24.02
N ALA A 123 -0.21 -5.58 22.85
CA ALA A 123 -1.07 -4.99 21.82
C ALA A 123 -2.49 -4.68 22.27
N GLU A 124 -2.86 -3.42 22.33
CA GLU A 124 -4.20 -2.99 22.71
C GLU A 124 -5.19 -2.90 21.53
N TYR A 125 -4.70 -2.63 20.32
CA TYR A 125 -5.54 -2.53 19.12
C TYR A 125 -4.73 -2.71 17.84
N GLY A 126 -5.44 -2.79 16.73
CA GLY A 126 -4.81 -2.92 15.41
C GLY A 126 -5.44 -2.05 14.35
N LEU A 127 -4.62 -1.32 13.60
CA LEU A 127 -5.01 -0.46 12.47
C LEU A 127 -4.24 -0.96 11.25
N TYR A 128 -4.92 -1.63 10.30
CA TYR A 128 -4.25 -2.18 9.15
C TYR A 128 -5.02 -1.91 7.89
N SER A 129 -4.67 -0.82 7.17
CA SER A 129 -5.25 -0.49 5.87
C SER A 129 -4.48 -1.29 4.84
N ILE A 130 -5.16 -1.95 3.92
CA ILE A 130 -4.47 -2.70 2.84
C ILE A 130 -4.88 -2.16 1.49
N TYR A 131 -3.92 -1.68 0.69
CA TYR A 131 -4.16 -1.18 -0.69
C TYR A 131 -3.38 -2.01 -1.71
N GLN A 132 -4.03 -2.36 -2.83
CA GLN A 132 -3.35 -3.00 -3.94
C GLN A 132 -4.04 -2.61 -5.23
N GLY A 133 -3.34 -2.71 -6.34
CA GLY A 133 -3.85 -2.38 -7.66
C GLY A 133 -2.99 -3.01 -8.73
N GLY A 134 -3.51 -3.08 -9.95
CA GLY A 134 -2.80 -3.70 -11.05
C GLY A 134 -3.58 -3.71 -12.34
N ILE A 135 -2.89 -3.98 -13.49
CA ILE A 135 -3.59 -3.99 -14.77
C ILE A 135 -3.95 -5.39 -15.24
N PHE A 136 -5.23 -5.53 -15.64
CA PHE A 136 -5.76 -6.81 -16.10
C PHE A 136 -6.63 -6.64 -17.31
N GLU A 137 -6.53 -7.60 -18.26
CA GLU A 137 -7.37 -7.61 -19.46
C GLU A 137 -8.69 -8.27 -19.10
N LEU A 138 -9.79 -7.55 -19.33
CA LEU A 138 -11.11 -8.06 -19.00
C LEU A 138 -12.01 -8.02 -20.20
N LYS A 139 -12.89 -8.99 -20.29
CA LYS A 139 -13.86 -9.13 -21.37
C LYS A 139 -15.18 -8.51 -20.94
N GLU A 140 -16.01 -8.11 -21.91
CA GLU A 140 -17.33 -7.58 -21.61
C GLU A 140 -18.08 -8.63 -20.78
N ASN A 141 -18.73 -8.18 -19.68
CA ASN A 141 -19.52 -9.00 -18.74
C ASN A 141 -18.67 -9.81 -17.74
N ASP A 142 -17.36 -9.51 -17.68
CA ASP A 142 -16.50 -10.06 -16.64
C ASP A 142 -16.93 -9.32 -15.38
N ARG A 143 -16.92 -10.02 -14.23
CA ARG A 143 -17.31 -9.44 -12.94
C ARG A 143 -16.10 -9.43 -12.01
N ILE A 144 -15.85 -8.33 -11.31
CA ILE A 144 -14.72 -8.25 -10.37
C ILE A 144 -15.21 -7.94 -8.98
N PHE A 145 -14.68 -8.64 -8.01
CA PHE A 145 -15.07 -8.38 -6.63
C PHE A 145 -13.90 -8.48 -5.66
N VAL A 146 -14.10 -8.03 -4.44
CA VAL A 146 -13.16 -8.04 -3.34
C VAL A 146 -13.66 -9.00 -2.29
N SER A 147 -12.74 -9.80 -1.79
CA SER A 147 -12.98 -10.79 -0.78
C SER A 147 -11.89 -10.60 0.28
N VAL A 148 -12.25 -10.72 1.55
CA VAL A 148 -11.28 -10.54 2.65
C VAL A 148 -11.40 -11.63 3.73
N THR A 149 -10.32 -11.86 4.51
CA THR A 149 -10.37 -12.74 5.68
C THR A 149 -10.85 -11.81 6.79
N ASN A 150 -11.24 -12.35 7.94
CA ASN A 150 -11.69 -11.56 9.08
C ASN A 150 -12.59 -10.42 8.69
N GLU A 151 -13.63 -10.68 7.86
CA GLU A 151 -14.56 -9.65 7.44
C GLU A 151 -15.17 -8.86 8.58
N HIS A 152 -15.26 -9.47 9.77
CA HIS A 152 -15.86 -8.83 10.94
C HIS A 152 -14.98 -7.70 11.51
N LEU A 153 -13.70 -7.60 11.07
CA LEU A 153 -12.79 -6.55 11.51
C LEU A 153 -12.67 -5.40 10.52
N ILE A 154 -13.40 -5.47 9.43
CA ILE A 154 -13.37 -4.44 8.40
C ILE A 154 -14.17 -3.19 8.80
N ASP A 155 -13.54 -2.03 8.68
CA ASP A 155 -14.18 -0.76 8.90
C ASP A 155 -14.65 -0.27 7.55
N MET A 156 -15.95 -0.10 7.43
CA MET A 156 -16.56 0.33 6.17
C MET A 156 -16.75 1.86 6.03
N ASP A 157 -15.89 2.70 6.64
CA ASP A 157 -16.02 4.14 6.44
C ASP A 157 -15.75 4.37 4.95
N HIS A 158 -16.45 5.30 4.32
CA HIS A 158 -16.28 5.52 2.89
C HIS A 158 -14.85 5.94 2.45
N GLU A 159 -14.09 6.66 3.28
CA GLU A 159 -12.73 7.11 2.93
C GLU A 159 -11.69 5.99 3.20
N ALA A 160 -12.10 4.97 3.97
CA ALA A 160 -11.23 3.93 4.42
C ALA A 160 -11.18 2.70 3.56
N SER A 161 -12.37 2.22 3.12
CA SER A 161 -12.50 1.01 2.33
C SER A 161 -13.20 1.38 1.11
N PHE A 162 -12.64 0.99 -0.01
CA PHE A 162 -13.19 1.31 -1.31
C PHE A 162 -12.67 0.34 -2.34
N PHE A 163 -13.25 0.43 -3.52
CA PHE A 163 -12.97 -0.44 -4.63
C PHE A 163 -13.20 0.30 -5.95
N GLY A 164 -12.27 0.19 -6.88
CA GLY A 164 -12.44 0.86 -8.15
C GLY A 164 -11.70 0.26 -9.33
N ALA A 165 -11.88 0.87 -10.51
CA ALA A 165 -11.17 0.50 -11.71
C ALA A 165 -11.32 1.60 -12.76
N PHE A 166 -10.42 1.64 -13.74
CA PHE A 166 -10.54 2.54 -14.88
C PHE A 166 -9.87 1.92 -16.09
N LEU A 167 -10.40 2.22 -17.28
CA LEU A 167 -9.85 1.70 -18.54
C LEU A 167 -8.52 2.37 -18.85
N VAL A 168 -7.49 1.56 -19.10
CA VAL A 168 -6.18 2.13 -19.43
C VAL A 168 -5.91 2.05 -20.92
N PRO B 7 -4.00 -2.25 -29.54
CA PRO B 7 -2.76 -2.37 -30.33
C PRO B 7 -1.93 -1.08 -30.32
N GLN B 8 -2.60 0.07 -30.03
CA GLN B 8 -1.97 1.38 -29.81
C GLN B 8 -1.89 1.63 -28.28
N ARG B 9 -2.17 0.59 -27.46
CA ARG B 9 -2.14 0.61 -25.99
C ARG B 9 -0.72 0.39 -25.48
N VAL B 10 -0.27 1.27 -24.56
CA VAL B 10 1.08 1.19 -23.99
C VAL B 10 0.97 0.85 -22.50
N ALA B 11 1.16 -0.43 -22.18
CA ALA B 11 1.06 -0.91 -20.79
C ALA B 11 1.64 -2.29 -20.65
N ALA B 12 1.92 -2.69 -19.40
CA ALA B 12 2.43 -4.02 -19.05
C ALA B 12 2.09 -4.36 -17.62
N HIS B 13 1.96 -5.66 -17.35
CA HIS B 13 1.76 -6.24 -16.02
C HIS B 13 2.41 -7.59 -16.08
N ILE B 14 3.51 -7.74 -15.35
CA ILE B 14 4.32 -8.97 -15.36
C ILE B 14 4.35 -9.52 -13.95
N THR B 15 4.30 -10.82 -13.79
CA THR B 15 4.16 -11.37 -12.46
C THR B 15 5.21 -12.36 -12.11
N GLY B 16 5.25 -12.68 -10.81
CA GLY B 16 6.13 -13.67 -10.23
C GLY B 16 6.00 -15.03 -10.90
N THR B 17 7.14 -15.77 -10.89
CA THR B 17 7.28 -17.13 -11.42
C THR B 17 8.44 -17.81 -10.70
N ARG B 18 8.17 -19.07 -10.22
CA ARG B 18 9.14 -19.94 -9.52
C ARG B 18 9.92 -20.76 -10.57
N GLY B 19 11.05 -20.20 -11.01
CA GLY B 19 11.94 -20.77 -12.02
C GLY B 19 13.01 -19.79 -12.44
N GLU B 32 23.94 -3.07 -9.82
CA GLU B 32 25.24 -2.42 -9.72
C GLU B 32 25.37 -1.58 -8.45
N LYS B 33 25.29 -0.23 -8.57
CA LYS B 33 25.32 0.66 -7.41
C LYS B 33 23.90 0.72 -6.79
N ALA B 34 22.99 -0.12 -7.32
CA ALA B 34 21.62 -0.27 -6.87
C ALA B 34 21.52 -1.00 -5.54
N LEU B 35 20.66 -0.52 -4.65
CA LEU B 35 20.39 -1.16 -3.38
C LEU B 35 19.55 -2.45 -3.58
N GLY B 36 19.65 -3.40 -2.65
CA GLY B 36 18.91 -4.65 -2.70
C GLY B 36 19.36 -5.53 -3.84
N ARG B 37 18.54 -6.51 -4.23
CA ARG B 37 18.86 -7.42 -5.34
C ARG B 37 17.72 -7.44 -6.34
N LYS B 38 18.06 -7.24 -7.62
CA LYS B 38 17.09 -7.18 -8.71
C LYS B 38 16.25 -8.42 -8.86
N ILE B 39 14.94 -8.26 -8.98
CA ILE B 39 14.08 -9.42 -9.25
C ILE B 39 14.20 -9.65 -10.75
N ASN B 40 14.64 -10.83 -11.19
CA ASN B 40 14.75 -11.05 -12.65
C ASN B 40 13.85 -12.18 -13.17
N SER B 41 13.05 -12.81 -12.31
CA SER B 41 12.15 -13.90 -12.67
C SER B 41 10.70 -13.51 -12.94
N TRP B 42 10.47 -12.47 -13.76
CA TRP B 42 9.11 -12.07 -14.09
C TRP B 42 8.60 -12.88 -15.32
N GLU B 43 7.23 -13.08 -15.46
CA GLU B 43 6.52 -13.75 -16.58
C GLU B 43 5.64 -12.77 -17.40
N SER B 44 5.84 -12.79 -18.72
CA SER B 44 5.26 -11.81 -19.64
C SER B 44 3.98 -12.22 -20.39
N SER B 45 3.87 -13.45 -20.93
CA SER B 45 2.67 -13.88 -21.68
C SER B 45 1.60 -14.47 -20.71
N ARG B 46 0.77 -15.47 -21.08
CA ARG B 46 -0.28 -15.95 -20.16
C ARG B 46 -1.36 -14.91 -20.14
N SER B 47 -2.21 -14.93 -21.15
CA SER B 47 -3.31 -14.00 -21.40
C SER B 47 -4.34 -13.98 -20.26
N GLY B 48 -4.59 -12.79 -19.75
CA GLY B 48 -5.53 -12.60 -18.66
C GLY B 48 -4.85 -12.31 -17.32
N HIS B 49 -3.63 -12.90 -17.10
CA HIS B 49 -2.80 -12.78 -15.88
C HIS B 49 -1.59 -11.83 -16.06
N SER B 50 -0.82 -11.94 -17.18
CA SER B 50 0.27 -11.02 -17.49
C SER B 50 0.29 -10.69 -18.97
N PHE B 51 0.93 -9.56 -19.32
CA PHE B 51 0.99 -9.10 -20.70
C PHE B 51 1.98 -7.99 -20.88
N LEU B 52 2.35 -7.72 -22.14
CA LEU B 52 3.23 -6.61 -22.52
C LEU B 52 2.65 -6.02 -23.77
N SER B 53 2.31 -4.76 -23.73
CA SER B 53 1.81 -4.10 -24.89
C SER B 53 2.67 -2.85 -25.12
N ASN B 54 3.52 -2.90 -26.17
CA ASN B 54 4.39 -1.77 -26.54
C ASN B 54 5.42 -1.44 -25.48
N LEU B 55 5.96 -2.48 -24.88
CA LEU B 55 7.01 -2.48 -23.89
C LEU B 55 7.54 -3.91 -23.98
N HIS B 56 8.78 -4.14 -23.53
CA HIS B 56 9.30 -5.47 -23.52
C HIS B 56 10.13 -5.73 -22.29
N LEU B 57 10.39 -7.00 -22.01
CA LEU B 57 11.14 -7.42 -20.85
C LEU B 57 12.50 -7.94 -21.24
N ARG B 58 13.53 -7.54 -20.48
CA ARG B 58 14.89 -7.99 -20.72
C ARG B 58 15.64 -8.01 -19.41
N ASN B 59 16.05 -9.20 -18.97
CA ASN B 59 16.79 -9.43 -17.72
C ASN B 59 16.04 -8.88 -16.54
N GLY B 60 14.72 -9.05 -16.54
CA GLY B 60 13.85 -8.56 -15.46
C GLY B 60 13.61 -7.05 -15.47
N GLU B 61 13.99 -6.37 -16.55
CA GLU B 61 13.78 -4.95 -16.67
C GLU B 61 12.77 -4.66 -17.77
N LEU B 62 11.79 -3.81 -17.47
CA LEU B 62 10.82 -3.36 -18.45
C LEU B 62 11.48 -2.26 -19.27
N VAL B 63 11.43 -2.40 -20.59
CA VAL B 63 12.05 -1.46 -21.54
C VAL B 63 11.00 -0.62 -22.23
N ILE B 64 11.19 0.69 -22.18
CA ILE B 64 10.27 1.68 -22.77
C ILE B 64 10.50 1.85 -24.27
N HIS B 65 9.39 1.93 -25.00
CA HIS B 65 9.39 2.12 -26.46
C HIS B 65 8.98 3.55 -26.81
N GLU B 66 7.90 4.04 -26.20
CA GLU B 66 7.34 5.36 -26.44
C GLU B 66 7.66 6.31 -25.28
N LYS B 67 8.34 7.42 -25.54
CA LYS B 67 8.66 8.46 -24.53
C LYS B 67 7.34 8.96 -23.89
N GLY B 68 7.36 9.24 -22.58
CA GLY B 68 6.15 9.75 -21.93
C GLY B 68 6.10 9.64 -20.43
N PHE B 69 4.93 9.95 -19.86
CA PHE B 69 4.65 9.87 -18.44
C PHE B 69 4.07 8.49 -18.19
N TYR B 70 4.71 7.72 -17.30
CA TYR B 70 4.25 6.38 -16.96
C TYR B 70 3.92 6.22 -15.52
N TYR B 71 2.76 5.63 -15.21
CA TYR B 71 2.45 5.31 -13.83
C TYR B 71 3.11 3.95 -13.67
N ILE B 72 4.11 3.84 -12.80
CA ILE B 72 4.85 2.59 -12.57
C ILE B 72 4.45 2.04 -11.21
N TYR B 73 4.23 0.74 -11.10
CA TYR B 73 3.88 0.16 -9.80
C TYR B 73 4.49 -1.22 -9.62
N SER B 74 4.53 -1.68 -8.39
CA SER B 74 4.99 -3.01 -8.06
C SER B 74 4.51 -3.44 -6.71
N GLN B 75 4.17 -4.74 -6.60
CA GLN B 75 3.80 -5.34 -5.33
C GLN B 75 4.77 -6.46 -5.13
N THR B 76 5.40 -6.51 -3.96
CA THR B 76 6.32 -7.59 -3.59
C THR B 76 5.85 -8.20 -2.25
N TYR B 77 5.64 -9.50 -2.23
CA TYR B 77 5.18 -10.21 -1.04
C TYR B 77 6.30 -10.87 -0.24
N PHE B 78 6.54 -10.37 0.96
CA PHE B 78 7.52 -10.96 1.86
C PHE B 78 6.72 -11.91 2.75
N ARG B 79 6.99 -13.20 2.64
CA ARG B 79 6.29 -14.25 3.37
C ARG B 79 7.30 -15.21 3.96
N PHE B 80 7.26 -15.38 5.28
CA PHE B 80 8.22 -16.24 5.96
C PHE B 80 7.76 -16.79 7.30
N GLN B 81 8.23 -17.97 7.64
CA GLN B 81 8.04 -18.65 8.94
C GLN B 81 9.33 -18.29 9.65
N GLU B 82 9.27 -17.88 10.91
CA GLU B 82 10.50 -17.56 11.63
C GLU B 82 10.64 -18.29 12.95
N GLU B 83 11.84 -18.84 13.19
CA GLU B 83 12.11 -19.56 14.45
C GLU B 83 13.09 -18.72 15.27
N ILE B 84 12.58 -18.10 16.35
CA ILE B 84 13.38 -17.27 17.27
C ILE B 84 14.34 -18.21 18.04
N LYS B 85 15.65 -18.01 17.87
CA LYS B 85 16.72 -18.78 18.49
C LYS B 85 18.05 -18.13 18.09
N GLU B 86 18.94 -17.71 19.04
CA GLU B 86 18.80 -17.75 20.52
C GLU B 86 17.64 -16.83 20.93
N ASN B 87 17.60 -15.64 20.31
CA ASN B 87 16.61 -14.58 20.42
C ASN B 87 16.87 -13.69 19.18
N THR B 88 17.61 -12.58 19.35
CA THR B 88 18.00 -11.67 18.28
C THR B 88 19.08 -12.34 17.37
N LYS B 89 19.32 -11.85 16.14
CA LYS B 89 18.69 -10.67 15.53
C LYS B 89 17.72 -11.06 14.42
N ASN B 90 16.46 -11.25 14.80
CA ASN B 90 15.40 -11.64 13.87
C ASN B 90 14.66 -10.43 13.19
N ASP B 91 15.08 -9.16 13.47
CA ASP B 91 14.49 -7.93 12.91
C ASP B 91 14.82 -7.77 11.43
N LYS B 92 13.78 -7.72 10.60
CA LYS B 92 13.94 -7.65 9.18
C LYS B 92 13.50 -6.32 8.59
N GLN B 93 14.29 -5.81 7.64
CA GLN B 93 13.97 -4.59 6.90
C GLN B 93 13.57 -5.06 5.54
N MET B 94 12.30 -4.91 5.20
CA MET B 94 11.75 -5.33 3.93
C MET B 94 11.55 -4.10 3.07
N VAL B 95 12.41 -3.94 2.08
CA VAL B 95 12.40 -2.74 1.25
C VAL B 95 12.21 -3.10 -0.20
N GLN B 96 11.34 -2.38 -0.88
CA GLN B 96 11.09 -2.51 -2.32
C GLN B 96 11.64 -1.23 -3.00
N TYR B 97 12.52 -1.42 -3.95
CA TYR B 97 13.07 -0.30 -4.69
C TYR B 97 12.70 -0.40 -6.13
N ILE B 98 12.33 0.72 -6.73
CA ILE B 98 12.05 0.78 -8.14
C ILE B 98 13.04 1.76 -8.75
N TYR B 99 13.88 1.21 -9.65
CA TYR B 99 14.94 1.95 -10.33
C TYR B 99 14.70 2.13 -11.80
N LYS B 100 15.42 3.10 -12.39
CA LYS B 100 15.47 3.26 -13.83
C LYS B 100 16.92 3.37 -14.26
N TYR B 101 17.24 2.83 -15.42
CA TYR B 101 18.50 2.93 -16.12
C TYR B 101 18.17 3.79 -17.30
N THR B 102 18.92 4.88 -17.43
CA THR B 102 18.76 5.79 -18.55
C THR B 102 20.13 5.90 -19.19
N SER B 103 20.36 6.99 -19.90
CA SER B 103 21.63 7.33 -20.53
C SER B 103 22.45 8.04 -19.40
N TYR B 104 22.94 7.17 -18.48
CA TYR B 104 23.70 7.52 -17.31
C TYR B 104 24.24 6.21 -16.71
N PRO B 105 25.56 6.16 -16.35
CA PRO B 105 26.16 4.92 -15.84
C PRO B 105 25.49 4.25 -14.65
N ASP B 106 24.97 5.04 -13.69
CA ASP B 106 24.34 4.48 -12.50
C ASP B 106 22.83 4.39 -12.57
N PRO B 107 22.23 3.34 -11.95
CA PRO B 107 20.75 3.27 -11.91
C PRO B 107 20.23 4.40 -11.00
N ILE B 108 19.09 5.00 -11.35
CA ILE B 108 18.48 6.10 -10.60
C ILE B 108 17.25 5.64 -9.83
N LEU B 109 17.25 5.79 -8.49
CA LEU B 109 16.09 5.38 -7.68
C LEU B 109 14.88 6.27 -7.91
N LEU B 110 13.74 5.67 -8.25
CA LEU B 110 12.50 6.41 -8.49
C LEU B 110 11.64 6.35 -7.23
N MET B 111 11.47 5.14 -6.65
CA MET B 111 10.63 4.95 -5.45
C MET B 111 11.20 3.90 -4.53
N LYS B 112 10.98 4.07 -3.20
CA LYS B 112 11.31 3.06 -2.17
C LYS B 112 10.17 2.96 -1.17
N SER B 113 9.86 1.74 -0.73
CA SER B 113 8.81 1.54 0.25
C SER B 113 9.32 0.50 1.19
N ALA B 114 9.22 0.79 2.49
CA ALA B 114 9.81 -0.08 3.50
C ALA B 114 8.89 -0.52 4.59
N ARG B 115 9.16 -1.69 5.11
CA ARG B 115 8.47 -2.25 6.25
C ARG B 115 9.50 -2.94 7.14
N ASN B 116 9.24 -2.97 8.44
CA ASN B 116 10.10 -3.72 9.34
C ASN B 116 9.23 -4.85 9.87
N SER B 117 9.83 -5.99 10.14
CA SER B 117 9.10 -7.10 10.71
C SER B 117 8.69 -6.82 12.20
N CYS B 118 7.87 -7.67 12.78
CA CYS B 118 7.38 -7.54 14.16
C CYS B 118 8.52 -7.89 15.11
N TRP B 119 8.82 -6.95 16.02
CA TRP B 119 9.88 -7.09 17.01
C TRP B 119 9.56 -8.11 18.14
N SER B 120 8.27 -8.50 18.29
CA SER B 120 7.84 -9.47 19.29
C SER B 120 8.53 -10.83 19.14
N LYS B 121 8.99 -11.35 20.27
CA LYS B 121 9.68 -12.63 20.36
C LYS B 121 8.67 -13.78 20.20
N ASP B 122 7.38 -13.48 20.40
CA ASP B 122 6.24 -14.40 20.24
C ASP B 122 5.90 -14.63 18.75
N ALA B 123 6.57 -13.92 17.80
CA ALA B 123 6.28 -13.98 16.37
C ALA B 123 6.60 -15.30 15.73
N GLU B 124 5.56 -16.01 15.27
CA GLU B 124 5.68 -17.32 14.61
C GLU B 124 5.92 -17.20 13.09
N TYR B 125 5.40 -16.13 12.45
CA TYR B 125 5.58 -15.89 11.02
C TYR B 125 5.35 -14.43 10.65
N GLY B 126 5.64 -14.10 9.38
CA GLY B 126 5.44 -12.76 8.85
C GLY B 126 4.85 -12.74 7.47
N LEU B 127 3.82 -11.91 7.27
CA LEU B 127 3.14 -11.68 5.99
C LEU B 127 3.22 -10.20 5.69
N TYR B 128 4.05 -9.80 4.73
CA TYR B 128 4.22 -8.36 4.44
C TYR B 128 4.19 -8.07 2.95
N SER B 129 3.01 -7.72 2.43
CA SER B 129 2.87 -7.33 1.03
C SER B 129 3.24 -5.84 0.92
N ILE B 130 4.10 -5.47 -0.03
CA ILE B 130 4.45 -4.06 -0.22
C ILE B 130 4.03 -3.61 -1.61
N TYR B 131 3.16 -2.61 -1.70
CA TYR B 131 2.74 -1.99 -2.97
C TYR B 131 3.11 -0.51 -3.00
N GLN B 132 3.62 -0.02 -4.14
CA GLN B 132 3.87 1.39 -4.37
C GLN B 132 3.74 1.64 -5.84
N GLY B 133 3.45 2.88 -6.20
CA GLY B 133 3.30 3.32 -7.58
C GLY B 133 3.44 4.82 -7.67
N GLY B 134 3.78 5.32 -8.85
CA GLY B 134 3.93 6.74 -9.08
C GLY B 134 4.17 7.11 -10.52
N ILE B 135 4.05 8.39 -10.88
CA ILE B 135 4.26 8.80 -12.27
C ILE B 135 5.63 9.35 -12.53
N PHE B 136 6.25 8.87 -13.60
CA PHE B 136 7.60 9.26 -14.00
C PHE B 136 7.73 9.47 -15.47
N GLU B 137 8.49 10.49 -15.87
CA GLU B 137 8.80 10.78 -17.29
C GLU B 137 9.94 9.89 -17.71
N LEU B 138 9.72 9.09 -18.76
CA LEU B 138 10.75 8.19 -19.23
C LEU B 138 11.01 8.40 -20.70
N LYS B 139 12.24 8.17 -21.11
CA LYS B 139 12.70 8.30 -22.49
C LYS B 139 12.68 6.93 -23.15
N GLU B 140 12.57 6.91 -24.48
CA GLU B 140 12.63 5.66 -25.22
C GLU B 140 13.94 4.93 -24.82
N ASN B 141 13.85 3.62 -24.54
CA ASN B 141 14.95 2.72 -24.17
C ASN B 141 15.41 2.88 -22.72
N ASP B 142 14.65 3.64 -21.92
CA ASP B 142 14.86 3.67 -20.47
C ASP B 142 14.44 2.29 -19.97
N ARG B 143 15.15 1.75 -18.98
CA ARG B 143 14.83 0.44 -18.41
C ARG B 143 14.40 0.59 -16.95
N ILE B 144 13.32 -0.07 -16.54
CA ILE B 144 12.85 0.02 -15.16
C ILE B 144 12.84 -1.35 -14.52
N PHE B 145 13.32 -1.46 -13.30
CA PHE B 145 13.33 -2.73 -12.61
C PHE B 145 13.01 -2.57 -11.14
N VAL B 146 12.74 -3.70 -10.49
CA VAL B 146 12.46 -3.82 -9.06
C VAL B 146 13.64 -4.56 -8.39
N SER B 147 14.04 -4.08 -7.22
CA SER B 147 15.13 -4.59 -6.41
C SER B 147 14.60 -4.63 -5.01
N VAL B 148 14.89 -5.67 -4.27
CA VAL B 148 14.38 -5.83 -2.91
C VAL B 148 15.46 -6.28 -1.94
N THR B 149 15.29 -6.03 -0.62
CA THR B 149 16.19 -6.59 0.40
C THR B 149 15.58 -7.96 0.69
N ASN B 150 16.29 -8.83 1.41
CA ASN B 150 15.77 -10.14 1.79
C ASN B 150 15.06 -10.84 0.67
N GLU B 151 15.69 -10.89 -0.53
CA GLU B 151 15.09 -11.56 -1.70
C GLU B 151 14.66 -12.99 -1.41
N HIS B 152 15.32 -13.66 -0.46
CA HIS B 152 15.02 -15.04 -0.11
C HIS B 152 13.68 -15.20 0.61
N LEU B 153 13.05 -14.09 1.06
CA LEU B 153 11.76 -14.14 1.75
C LEU B 153 10.62 -13.78 0.84
N ILE B 154 10.91 -13.50 -0.44
CA ILE B 154 9.90 -13.13 -1.42
C ILE B 154 9.08 -14.30 -1.91
N ASP B 155 7.76 -14.16 -1.88
CA ASP B 155 6.86 -15.15 -2.43
C ASP B 155 6.52 -14.71 -3.84
N MET B 156 6.91 -15.53 -4.84
CA MET B 156 6.65 -15.19 -6.23
C MET B 156 5.31 -15.71 -6.79
N ASP B 157 4.26 -15.93 -5.99
CA ASP B 157 2.97 -16.34 -6.57
C ASP B 157 2.57 -15.22 -7.54
N HIS B 158 1.99 -15.54 -8.69
CA HIS B 158 1.58 -14.56 -9.72
C HIS B 158 0.71 -13.43 -9.20
N GLU B 159 -0.22 -13.72 -8.29
CA GLU B 159 -1.21 -12.79 -7.75
C GLU B 159 -0.61 -11.92 -6.61
N ALA B 160 0.53 -12.37 -6.07
CA ALA B 160 1.17 -11.78 -4.91
C ALA B 160 2.24 -10.76 -5.22
N SER B 161 3.14 -11.06 -6.19
CA SER B 161 4.25 -10.21 -6.57
C SER B 161 4.12 -9.97 -8.02
N PHE B 162 4.18 -8.70 -8.40
CA PHE B 162 4.03 -8.30 -9.79
C PHE B 162 4.64 -6.93 -9.99
N PHE B 163 4.69 -6.51 -11.25
CA PHE B 163 5.33 -5.29 -11.67
C PHE B 163 4.68 -4.81 -12.96
N GLY B 164 4.41 -3.52 -13.04
CA GLY B 164 3.76 -3.02 -14.24
C GLY B 164 3.83 -1.54 -14.41
N ALA B 165 3.37 -1.06 -15.57
CA ALA B 165 3.35 0.35 -15.93
C ALA B 165 2.37 0.60 -17.05
N PHE B 166 1.91 1.84 -17.19
CA PHE B 166 1.06 2.23 -18.32
C PHE B 166 1.27 3.68 -18.63
N LEU B 167 1.12 4.05 -19.90
CA LEU B 167 1.31 5.43 -20.35
C LEU B 167 0.15 6.30 -19.85
N VAL B 168 0.46 7.39 -19.17
CA VAL B 168 -0.59 8.30 -18.72
C VAL B 168 -0.60 9.53 -19.65
N GLY B 169 0.60 9.97 -20.00
CA GLY B 169 0.85 11.06 -20.92
C GLY B 169 1.94 10.70 -21.94
N PRO C 7 1.78 19.21 -24.92
CA PRO C 7 1.53 18.92 -23.50
C PRO C 7 0.06 19.11 -23.05
N GLN C 8 -0.86 18.42 -23.78
CA GLN C 8 -2.29 18.33 -23.48
C GLN C 8 -2.49 17.25 -22.36
N ARG C 9 -1.37 16.82 -21.70
CA ARG C 9 -1.33 15.83 -20.61
C ARG C 9 -1.66 16.48 -19.27
N VAL C 10 -2.57 15.89 -18.51
CA VAL C 10 -2.99 16.41 -17.21
C VAL C 10 -2.55 15.45 -16.11
N ALA C 11 -1.42 15.75 -15.47
CA ALA C 11 -0.85 14.90 -14.41
C ALA C 11 0.21 15.65 -13.61
N ALA C 12 0.52 15.14 -12.42
CA ALA C 12 1.56 15.66 -11.53
C ALA C 12 2.09 14.57 -10.62
N HIS C 13 3.37 14.70 -10.23
CA HIS C 13 4.04 13.85 -9.25
C HIS C 13 5.02 14.78 -8.54
N ILE C 14 4.74 15.08 -7.28
CA ILE C 14 5.56 15.98 -6.48
C ILE C 14 6.14 15.20 -5.28
N THR C 15 7.40 15.47 -4.91
CA THR C 15 8.09 14.70 -3.90
C THR C 15 8.57 15.47 -2.69
N GLY C 16 8.90 14.74 -1.64
CA GLY C 16 9.45 15.27 -0.41
C GLY C 16 10.68 16.11 -0.65
N THR C 17 10.88 17.08 0.28
CA THR C 17 12.03 18.00 0.30
C THR C 17 12.50 18.14 1.77
N ARG C 18 13.86 18.04 1.99
CA ARG C 18 14.49 18.15 3.32
C ARG C 18 14.96 19.58 3.60
N GLU C 32 -7.16 23.16 8.79
CA GLU C 32 -8.27 23.74 9.54
C GLU C 32 -9.00 22.68 10.37
N LYS C 33 -10.22 22.29 9.92
CA LYS C 33 -10.99 21.24 10.60
C LYS C 33 -10.46 19.86 10.15
N ALA C 34 -9.37 19.89 9.35
CA ALA C 34 -8.68 18.71 8.84
C ALA C 34 -7.93 17.97 9.96
N LEU C 35 -7.98 16.63 9.93
CA LEU C 35 -7.24 15.81 10.88
C LEU C 35 -5.75 15.77 10.48
N GLY C 36 -4.87 15.56 11.44
CA GLY C 36 -3.44 15.52 11.21
C GLY C 36 -2.87 16.88 10.86
N ARG C 37 -1.67 16.91 10.24
CA ARG C 37 -1.05 18.16 9.81
C ARG C 37 -0.68 18.13 8.35
N LYS C 38 -1.07 19.17 7.60
CA LYS C 38 -0.81 19.28 6.18
C LYS C 38 0.67 19.25 5.81
N ILE C 39 1.04 18.41 4.85
CA ILE C 39 2.42 18.41 4.35
C ILE C 39 2.50 19.59 3.39
N ASN C 40 3.37 20.56 3.63
CA ASN C 40 3.45 21.69 2.67
C ASN C 40 4.83 21.82 1.97
N SER C 41 5.75 20.91 2.24
CA SER C 41 7.10 20.94 1.69
C SER C 41 7.34 20.02 0.49
N TRP C 42 6.43 20.06 -0.50
CA TRP C 42 6.61 19.28 -1.72
C TRP C 42 7.51 20.05 -2.73
N GLU C 43 8.33 19.31 -3.50
CA GLU C 43 9.23 19.71 -4.60
C GLU C 43 8.54 19.33 -5.95
N SER C 44 8.48 20.30 -6.87
CA SER C 44 7.72 20.18 -8.10
C SER C 44 8.44 20.00 -9.41
N SER C 45 9.70 20.48 -9.57
CA SER C 45 10.22 20.41 -10.94
C SER C 45 11.61 19.91 -11.17
N ARG C 46 11.98 18.78 -10.59
CA ARG C 46 13.27 18.22 -10.97
C ARG C 46 12.99 17.27 -12.15
N SER C 47 13.32 17.67 -13.40
CA SER C 47 13.13 16.85 -14.61
C SER C 47 13.56 15.38 -14.45
N GLY C 48 12.61 14.46 -14.52
CA GLY C 48 12.91 13.05 -14.35
C GLY C 48 12.47 12.47 -13.04
N HIS C 49 12.39 13.32 -11.96
CA HIS C 49 11.96 12.98 -10.58
C HIS C 49 10.54 13.48 -10.21
N SER C 50 10.26 14.75 -10.47
CA SER C 50 8.94 15.33 -10.20
C SER C 50 8.55 16.25 -11.34
N PHE C 51 7.26 16.62 -11.41
CA PHE C 51 6.73 17.47 -12.48
C PHE C 51 5.30 17.89 -12.23
N LEU C 52 4.85 18.92 -12.99
CA LEU C 52 3.48 19.40 -12.99
C LEU C 52 3.08 19.62 -14.44
N SER C 53 1.99 19.02 -14.85
CA SER C 53 1.52 19.22 -16.19
C SER C 53 0.04 19.53 -16.09
N ASN C 54 -0.32 20.80 -16.31
CA ASN C 54 -1.73 21.27 -16.28
C ASN C 54 -2.39 21.12 -14.91
N LEU C 55 -1.60 21.40 -13.88
CA LEU C 55 -1.98 21.44 -12.49
C LEU C 55 -0.88 22.33 -11.89
N HIS C 56 -1.14 22.93 -10.74
CA HIS C 56 -0.09 23.71 -10.10
C HIS C 56 -0.13 23.54 -8.58
N LEU C 57 0.95 23.94 -7.94
CA LEU C 57 1.09 23.77 -6.50
C LEU C 57 0.98 25.10 -5.77
N ARG C 58 0.29 25.10 -4.64
CA ARG C 58 0.10 26.30 -3.85
C ARG C 58 -0.06 25.90 -2.41
N ASN C 59 0.91 26.26 -1.57
CA ASN C 59 0.90 25.97 -0.14
C ASN C 59 0.76 24.46 0.13
N GLY C 60 1.44 23.65 -0.68
CA GLY C 60 1.40 22.20 -0.57
C GLY C 60 0.12 21.56 -1.07
N GLU C 61 -0.73 22.31 -1.77
CA GLU C 61 -1.97 21.80 -2.31
C GLU C 61 -1.89 21.81 -3.81
N LEU C 62 -2.26 20.67 -4.43
CA LEU C 62 -2.35 20.58 -5.88
C LEU C 62 -3.67 21.20 -6.30
N VAL C 63 -3.60 22.13 -7.27
CA VAL C 63 -4.75 22.87 -7.77
C VAL C 63 -5.16 22.37 -9.14
N ILE C 64 -6.45 22.06 -9.27
CA ILE C 64 -7.03 21.51 -10.49
C ILE C 64 -7.37 22.60 -11.49
N HIS C 65 -7.04 22.34 -12.76
CA HIS C 65 -7.31 23.25 -13.86
C HIS C 65 -8.48 22.75 -14.69
N GLU C 66 -8.46 21.46 -15.05
CA GLU C 66 -9.47 20.81 -15.88
C GLU C 66 -10.39 19.94 -15.02
N LYS C 67 -11.70 20.19 -15.04
CA LYS C 67 -12.71 19.38 -14.34
C LYS C 67 -12.62 17.93 -14.83
N GLY C 68 -12.77 16.97 -13.93
CA GLY C 68 -12.72 15.57 -14.33
C GLY C 68 -12.51 14.56 -13.23
N PHE C 69 -12.32 13.30 -13.65
CA PHE C 69 -12.04 12.18 -12.76
C PHE C 69 -10.54 12.06 -12.65
N TYR C 70 -10.03 12.13 -11.41
CA TYR C 70 -8.60 12.04 -11.18
C TYR C 70 -8.25 10.88 -10.29
N TYR C 71 -7.23 10.11 -10.69
CA TYR C 71 -6.72 9.07 -9.81
C TYR C 71 -5.72 9.85 -8.96
N ILE C 72 -5.95 9.94 -7.65
CA ILE C 72 -5.08 10.68 -6.72
C ILE C 72 -4.33 9.68 -5.86
N TYR C 73 -3.05 9.89 -5.62
CA TYR C 73 -2.32 8.94 -4.77
C TYR C 73 -1.26 9.67 -3.94
N SER C 74 -0.76 8.98 -2.90
CA SER C 74 0.30 9.52 -2.06
C SER C 74 0.98 8.43 -1.29
N GLN C 75 2.29 8.58 -1.12
CA GLN C 75 3.06 7.67 -0.29
C GLN C 75 3.73 8.52 0.75
N THR C 76 3.57 8.16 2.02
CA THR C 76 4.20 8.87 3.13
C THR C 76 5.03 7.87 3.95
N TYR C 77 6.30 8.15 4.12
CA TYR C 77 7.22 7.29 4.85
C TYR C 77 7.42 7.70 6.29
N PHE C 78 6.95 6.85 7.21
CA PHE C 78 7.15 7.08 8.65
C PHE C 78 8.39 6.29 8.99
N ARG C 79 9.45 6.98 9.36
CA ARG C 79 10.75 6.38 9.68
C ARG C 79 11.26 6.96 10.99
N PHE C 80 11.53 6.10 11.96
CA PHE C 80 11.96 6.56 13.26
C PHE C 80 12.73 5.51 14.06
N GLN C 81 13.64 5.99 14.89
CA GLN C 81 14.41 5.22 15.88
C GLN C 81 13.57 5.47 17.12
N GLU C 82 13.30 4.43 17.92
CA GLU C 82 12.50 4.67 19.10
C GLU C 82 13.14 4.22 20.34
N GLU C 83 12.99 5.11 21.34
CA GLU C 83 13.43 4.99 22.72
C GLU C 83 12.19 4.78 23.56
N ILE C 84 12.20 3.63 24.28
CA ILE C 84 11.13 3.18 25.15
C ILE C 84 10.62 4.32 26.02
N LYS C 85 9.31 4.57 25.89
CA LYS C 85 8.57 5.57 26.64
C LYS C 85 8.47 4.95 28.01
N GLU C 86 8.96 5.67 29.04
CA GLU C 86 8.99 5.16 30.40
C GLU C 86 7.59 4.88 30.97
N ASN C 87 6.71 5.89 31.02
CA ASN C 87 5.37 5.71 31.60
C ASN C 87 4.20 5.43 30.61
N THR C 88 4.50 5.32 29.29
CA THR C 88 3.52 5.03 28.22
C THR C 88 3.97 3.90 27.30
N LYS C 89 3.04 3.46 26.44
CA LYS C 89 3.33 2.47 25.43
C LYS C 89 3.94 3.17 24.20
N ASN C 90 4.82 2.43 23.50
CA ASN C 90 5.49 2.88 22.28
C ASN C 90 4.54 2.84 21.00
N ASP C 91 3.21 2.84 21.22
CA ASP C 91 2.17 2.78 20.21
C ASP C 91 1.97 4.08 19.47
N LYS C 92 2.12 4.02 18.15
CA LYS C 92 1.97 5.17 17.28
C LYS C 92 0.96 4.86 16.23
N GLN C 93 0.10 5.81 16.01
CA GLN C 93 -0.93 5.70 14.99
C GLN C 93 -0.43 6.56 13.82
N MET C 94 -0.10 5.91 12.72
CA MET C 94 0.42 6.56 11.54
C MET C 94 -0.70 6.58 10.52
N VAL C 95 -1.23 7.77 10.29
CA VAL C 95 -2.39 7.93 9.41
C VAL C 95 -2.08 8.92 8.31
N GLN C 96 -2.42 8.55 7.08
CA GLN C 96 -2.26 9.42 5.94
C GLN C 96 -3.66 9.82 5.49
N TYR C 97 -3.91 11.13 5.37
CA TYR C 97 -5.21 11.64 4.94
C TYR C 97 -5.04 12.41 3.67
N ILE C 98 -5.97 12.19 2.73
CA ILE C 98 -6.02 12.94 1.49
C ILE C 98 -7.35 13.72 1.48
N TYR C 99 -7.22 15.06 1.48
CA TYR C 99 -8.36 15.97 1.51
C TYR C 99 -8.52 16.79 0.26
N LYS C 100 -9.71 17.35 0.09
CA LYS C 100 -9.97 18.29 -0.98
C LYS C 100 -10.69 19.51 -0.39
N TYR C 101 -10.39 20.69 -0.95
CA TYR C 101 -11.02 21.96 -0.65
C TYR C 101 -11.76 22.27 -1.91
N THR C 102 -13.07 22.49 -1.78
CA THR C 102 -13.92 22.83 -2.90
C THR C 102 -14.66 24.09 -2.52
N SER C 103 -15.82 24.30 -3.12
CA SER C 103 -16.77 25.38 -2.84
C SER C 103 -17.62 24.89 -1.63
N TYR C 104 -16.94 24.95 -0.48
CA TYR C 104 -17.43 24.56 0.84
C TYR C 104 -16.39 24.99 1.86
N PRO C 105 -16.81 25.64 2.97
CA PRO C 105 -15.84 26.14 3.98
C PRO C 105 -14.87 25.14 4.57
N ASP C 106 -15.31 23.88 4.81
CA ASP C 106 -14.45 22.85 5.41
C ASP C 106 -13.79 21.91 4.41
N PRO C 107 -12.57 21.42 4.71
CA PRO C 107 -11.93 20.45 3.82
C PRO C 107 -12.68 19.11 3.89
N ILE C 108 -12.82 18.41 2.76
CA ILE C 108 -13.55 17.14 2.68
C ILE C 108 -12.62 15.95 2.54
N LEU C 109 -12.66 14.99 3.49
CA LEU C 109 -11.80 13.80 3.43
C LEU C 109 -12.15 12.89 2.28
N LEU C 110 -11.16 12.58 1.41
CA LEU C 110 -11.34 11.67 0.27
C LEU C 110 -10.86 10.28 0.65
N MET C 111 -9.67 10.16 1.22
CA MET C 111 -9.10 8.87 1.59
C MET C 111 -8.27 8.95 2.87
N LYS C 112 -8.27 7.85 3.67
CA LYS C 112 -7.44 7.66 4.87
C LYS C 112 -6.86 6.28 4.87
N SER C 113 -5.61 6.16 5.30
CA SER C 113 -4.93 4.88 5.38
C SER C 113 -4.16 4.90 6.67
N ALA C 114 -4.37 3.86 7.51
CA ALA C 114 -3.77 3.84 8.83
C ALA C 114 -2.94 2.66 9.13
N ARG C 115 -1.96 2.86 9.98
CA ARG C 115 -1.09 1.83 10.43
C ARG C 115 -0.75 2.11 11.89
N ASN C 116 -0.48 1.06 12.68
CA ASN C 116 -0.04 1.27 14.04
C ASN C 116 1.36 0.68 14.10
N SER C 117 2.24 1.30 14.89
CA SER C 117 3.61 0.78 15.07
C SER C 117 3.57 -0.51 15.97
N CYS C 118 4.63 -1.30 15.95
CA CYS C 118 4.81 -2.54 16.72
C CYS C 118 4.73 -2.24 18.23
N TRP C 119 3.82 -2.93 18.91
CA TRP C 119 3.56 -2.81 20.36
C TRP C 119 4.71 -3.38 21.24
N SER C 120 5.61 -4.20 20.66
CA SER C 120 6.71 -4.80 21.37
C SER C 120 7.65 -3.77 21.98
N LYS C 121 8.01 -3.98 23.24
CA LYS C 121 8.92 -3.09 23.95
C LYS C 121 10.36 -3.35 23.48
N ASP C 122 10.61 -4.47 22.76
CA ASP C 122 11.90 -4.84 22.16
C ASP C 122 12.17 -4.04 20.86
N ALA C 123 11.19 -3.21 20.39
CA ALA C 123 11.27 -2.42 19.16
C ALA C 123 12.35 -1.35 19.16
N GLU C 124 13.38 -1.52 18.33
CA GLU C 124 14.50 -0.57 18.21
C GLU C 124 14.21 0.56 17.22
N TYR C 125 13.42 0.27 16.16
CA TYR C 125 13.04 1.28 15.15
C TYR C 125 11.79 0.89 14.38
N GLY C 126 11.28 1.82 13.61
CA GLY C 126 10.10 1.59 12.79
C GLY C 126 10.23 2.15 11.39
N LEU C 127 9.86 1.34 10.39
CA LEU C 127 9.84 1.68 8.98
C LEU C 127 8.42 1.44 8.47
N TYR C 128 7.65 2.48 8.23
CA TYR C 128 6.28 2.29 7.78
C TYR C 128 5.94 3.21 6.61
N SER C 129 6.03 2.67 5.39
CA SER C 129 5.65 3.42 4.21
C SER C 129 4.15 3.24 4.02
N ILE C 130 3.40 4.31 3.79
CA ILE C 130 1.94 4.19 3.56
C ILE C 130 1.59 4.73 2.18
N TYR C 131 1.01 3.90 1.32
CA TYR C 131 0.57 4.28 -0.03
C TYR C 131 -0.92 4.07 -0.16
N GLN C 132 -1.63 5.03 -0.76
CA GLN C 132 -3.03 4.88 -1.11
C GLN C 132 -3.32 5.69 -2.36
N GLY C 133 -4.37 5.29 -3.07
CA GLY C 133 -4.82 6.00 -4.27
C GLY C 133 -6.27 5.70 -4.55
N GLY C 134 -6.94 6.57 -5.30
CA GLY C 134 -8.34 6.34 -5.68
C GLY C 134 -8.87 7.37 -6.65
N ILE C 135 -10.00 7.09 -7.33
CA ILE C 135 -10.55 8.06 -8.30
C ILE C 135 -11.65 8.96 -7.72
N PHE C 136 -11.49 10.27 -7.99
CA PHE C 136 -12.38 11.30 -7.49
C PHE C 136 -12.70 12.33 -8.54
N GLU C 137 -13.95 12.79 -8.56
CA GLU C 137 -14.41 13.85 -9.45
C GLU C 137 -14.05 15.18 -8.81
N LEU C 138 -13.32 15.99 -9.54
CA LEU C 138 -12.93 17.29 -9.04
C LEU C 138 -13.33 18.39 -10.00
N LYS C 139 -13.66 19.55 -9.46
CA LYS C 139 -14.04 20.74 -10.21
C LYS C 139 -12.82 21.63 -10.41
N GLU C 140 -12.84 22.46 -11.46
CA GLU C 140 -11.75 23.41 -11.68
C GLU C 140 -11.58 24.24 -10.40
N ASN C 141 -10.32 24.41 -9.95
CA ASN C 141 -9.91 25.20 -8.78
C ASN C 141 -10.15 24.47 -7.44
N ASP C 142 -10.50 23.17 -7.50
CA ASP C 142 -10.54 22.35 -6.31
C ASP C 142 -9.07 22.15 -5.93
N ARG C 143 -8.77 22.10 -4.63
CA ARG C 143 -7.42 21.92 -4.13
C ARG C 143 -7.33 20.60 -3.39
N ILE C 144 -6.25 19.84 -3.62
CA ILE C 144 -6.06 18.55 -2.92
C ILE C 144 -4.76 18.55 -2.17
N PHE C 145 -4.77 18.05 -0.96
CA PHE C 145 -3.57 18.01 -0.15
C PHE C 145 -3.52 16.75 0.69
N VAL C 146 -2.34 16.49 1.25
CA VAL C 146 -2.04 15.38 2.13
C VAL C 146 -1.80 15.93 3.55
N SER C 147 -2.39 15.26 4.52
CA SER C 147 -2.32 15.54 5.95
C SER C 147 -1.90 14.21 6.64
N VAL C 148 -1.03 14.27 7.65
CA VAL C 148 -0.59 13.08 8.37
C VAL C 148 -0.59 13.28 9.89
N THR C 149 -0.66 12.18 10.68
CA THR C 149 -0.44 12.25 12.11
C THR C 149 1.06 12.11 12.25
N ASN C 150 1.61 12.36 13.42
CA ASN C 150 3.05 12.22 13.67
C ASN C 150 3.91 12.79 12.57
N GLU C 151 3.63 13.98 12.10
CA GLU C 151 4.42 14.60 11.03
C GLU C 151 5.92 14.63 11.32
N HIS C 152 6.30 14.62 12.60
CA HIS C 152 7.70 14.65 13.02
C HIS C 152 8.44 13.34 12.73
N LEU C 153 7.71 12.27 12.38
CA LEU C 153 8.32 10.99 12.04
C LEU C 153 8.40 10.74 10.54
N ILE C 154 7.96 11.70 9.74
CA ILE C 154 7.98 11.59 8.29
C ILE C 154 9.35 11.78 7.69
N ASP C 155 9.77 10.88 6.82
CA ASP C 155 11.00 10.98 6.06
C ASP C 155 10.63 11.57 4.71
N MET C 156 11.21 12.70 4.42
CA MET C 156 10.93 13.42 3.21
C MET C 156 11.87 13.12 2.03
N ASP C 157 12.54 11.94 1.98
CA ASP C 157 13.39 11.59 0.82
C ASP C 157 12.49 11.62 -0.40
N HIS C 158 12.95 12.16 -1.54
CA HIS C 158 12.17 12.27 -2.78
C HIS C 158 11.51 10.98 -3.23
N GLU C 159 12.20 9.83 -3.06
CA GLU C 159 11.77 8.51 -3.54
C GLU C 159 10.79 7.86 -2.55
N ALA C 160 10.75 8.38 -1.31
CA ALA C 160 10.01 7.83 -0.19
C ALA C 160 8.64 8.40 0.02
N SER C 161 8.54 9.73 -0.03
CA SER C 161 7.27 10.43 0.21
C SER C 161 6.97 11.28 -1.00
N PHE C 162 5.78 11.12 -1.52
CA PHE C 162 5.39 11.81 -2.71
C PHE C 162 3.89 11.89 -2.79
N PHE C 163 3.40 12.65 -3.78
CA PHE C 163 2.00 12.96 -3.97
C PHE C 163 1.76 13.23 -5.43
N GLY C 164 0.69 12.66 -5.95
CA GLY C 164 0.42 12.90 -7.36
C GLY C 164 -1.00 12.61 -7.78
N ALA C 165 -1.31 12.94 -9.06
CA ALA C 165 -2.63 12.72 -9.66
C ALA C 165 -2.53 12.76 -11.14
N PHE C 166 -3.51 12.17 -11.82
CA PHE C 166 -3.60 12.24 -13.27
C PHE C 166 -5.05 12.12 -13.69
N LEU C 167 -5.40 12.77 -14.80
CA LEU C 167 -6.76 12.74 -15.33
C LEU C 167 -7.08 11.38 -15.92
N VAL C 168 -8.16 10.76 -15.46
CA VAL C 168 -8.55 9.47 -16.01
C VAL C 168 -9.72 9.68 -16.98
N GLY C 169 -10.64 10.55 -16.53
CA GLY C 169 -11.81 10.98 -17.28
C GLY C 169 -11.95 12.50 -17.24
N GLY D 5 -19.14 -26.59 -28.72
CA GLY D 5 -20.10 -25.50 -28.76
C GLY D 5 -19.49 -24.18 -28.33
N GLU D 6 -18.26 -23.92 -28.86
CA GLU D 6 -17.38 -22.77 -28.61
C GLU D 6 -16.72 -22.84 -27.21
N LEU D 7 -16.73 -24.05 -26.61
CA LEU D 7 -16.08 -24.28 -25.32
C LEU D 7 -15.01 -25.35 -25.44
N CYS D 8 -13.84 -25.05 -24.87
CA CYS D 8 -12.70 -25.94 -24.88
C CYS D 8 -12.79 -26.88 -23.71
N PRO D 9 -12.39 -28.14 -23.89
CA PRO D 9 -12.53 -29.11 -22.79
C PRO D 9 -11.54 -28.91 -21.64
N PRO D 10 -11.79 -29.52 -20.47
CA PRO D 10 -10.82 -29.42 -19.37
C PRO D 10 -9.46 -29.89 -19.88
N GLY D 11 -8.41 -29.21 -19.45
CA GLY D 11 -7.04 -29.55 -19.87
C GLY D 11 -6.62 -28.74 -21.07
N SER D 12 -7.46 -27.78 -21.52
CA SER D 12 -7.26 -26.97 -22.69
C SER D 12 -7.96 -25.62 -22.53
N HIS D 13 -7.53 -24.60 -23.31
CA HIS D 13 -8.09 -23.26 -23.29
C HIS D 13 -8.27 -22.79 -24.75
N ARG D 14 -8.98 -21.67 -24.99
CA ARG D 14 -9.20 -21.14 -26.34
C ARG D 14 -7.94 -20.43 -26.89
N SER D 15 -7.76 -20.53 -28.20
CA SER D 15 -6.63 -19.96 -28.88
C SER D 15 -6.90 -18.52 -29.39
N GLU D 16 -5.86 -17.89 -29.92
CA GLU D 16 -5.89 -16.62 -30.64
C GLU D 16 -6.80 -16.87 -31.91
N ARG D 17 -6.65 -18.07 -32.56
CA ARG D 17 -7.41 -18.50 -33.73
C ARG D 17 -8.85 -18.76 -33.25
N PRO D 18 -9.83 -17.92 -33.67
CA PRO D 18 -11.20 -18.04 -33.15
C PRO D 18 -11.80 -19.43 -32.94
N GLY D 19 -11.49 -20.41 -33.79
CA GLY D 19 -12.06 -21.74 -33.59
C GLY D 19 -11.21 -22.84 -32.97
N ALA D 20 -10.04 -22.52 -32.39
CA ALA D 20 -9.12 -23.53 -31.88
C ALA D 20 -8.94 -23.60 -30.36
N CYS D 21 -8.47 -24.76 -29.90
CA CYS D 21 -8.14 -25.05 -28.50
C CYS D 21 -6.65 -25.41 -28.35
N ASN D 22 -5.97 -24.84 -27.34
CA ASN D 22 -4.59 -25.20 -26.99
C ASN D 22 -4.62 -26.00 -25.72
N ARG D 23 -3.84 -27.06 -25.64
CA ARG D 23 -3.77 -27.86 -24.42
C ARG D 23 -2.91 -27.16 -23.37
N CYS D 24 -3.26 -27.34 -22.09
CA CYS D 24 -2.48 -26.83 -20.97
C CYS D 24 -1.16 -27.63 -20.91
N THR D 25 -0.11 -27.02 -20.34
CA THR D 25 1.20 -27.65 -20.15
C THR D 25 1.21 -28.28 -18.76
N GLU D 26 1.36 -29.62 -18.72
CA GLU D 26 1.36 -30.37 -17.46
C GLU D 26 2.43 -29.83 -16.55
N GLY D 27 2.05 -29.60 -15.29
CA GLY D 27 2.93 -29.07 -14.26
C GLY D 27 3.01 -27.56 -14.26
N VAL D 28 2.58 -26.89 -15.32
CA VAL D 28 2.63 -25.44 -15.43
C VAL D 28 1.23 -24.78 -15.23
N GLY D 29 0.25 -25.23 -15.97
CA GLY D 29 -1.11 -24.72 -15.87
C GLY D 29 -2.18 -25.77 -16.08
N TYR D 30 -3.44 -25.40 -15.80
CA TYR D 30 -4.56 -26.31 -15.93
C TYR D 30 -5.90 -25.57 -16.16
N THR D 31 -6.98 -26.33 -16.40
CA THR D 31 -8.36 -25.89 -16.51
C THR D 31 -9.18 -27.09 -16.05
N ASN D 32 -10.06 -26.88 -15.07
CA ASN D 32 -10.93 -27.91 -14.49
C ASN D 32 -12.30 -28.06 -15.18
N ALA D 33 -12.70 -27.12 -16.04
CA ALA D 33 -13.99 -27.15 -16.67
C ALA D 33 -13.96 -26.72 -18.11
N SER D 34 -15.04 -27.02 -18.84
CA SER D 34 -15.20 -26.57 -20.21
C SER D 34 -15.13 -25.02 -20.16
N ASN D 35 -14.46 -24.39 -21.13
CA ASN D 35 -14.24 -22.93 -21.02
C ASN D 35 -13.90 -22.23 -22.32
N ASN D 36 -13.74 -20.91 -22.23
CA ASN D 36 -13.20 -20.17 -23.35
C ASN D 36 -12.18 -19.07 -22.80
N LEU D 37 -11.32 -19.50 -21.86
CA LEU D 37 -10.22 -18.72 -21.30
C LEU D 37 -9.11 -18.65 -22.32
N PHE D 38 -8.39 -17.53 -22.35
CA PHE D 38 -7.30 -17.37 -23.31
C PHE D 38 -5.97 -17.88 -22.77
N ALA D 39 -5.98 -18.38 -21.54
CA ALA D 39 -4.83 -19.02 -20.89
C ALA D 39 -5.32 -19.99 -19.82
N CYS D 40 -4.54 -21.04 -19.59
CA CYS D 40 -4.81 -22.01 -18.54
C CYS D 40 -4.43 -21.35 -17.23
N LEU D 41 -5.01 -21.82 -16.14
CA LEU D 41 -4.79 -21.30 -14.80
C LEU D 41 -3.46 -21.81 -14.25
N PRO D 42 -2.66 -20.93 -13.61
CA PRO D 42 -1.35 -21.39 -13.12
C PRO D 42 -1.50 -22.34 -11.96
N CYS D 43 -0.62 -23.36 -11.95
CA CYS D 43 -0.58 -24.34 -10.90
C CYS D 43 -0.14 -23.67 -9.64
N THR D 44 -0.69 -24.11 -8.49
CA THR D 44 -0.36 -23.63 -7.16
C THR D 44 0.92 -24.34 -6.73
N ALA D 45 1.77 -23.63 -6.00
CA ALA D 45 2.98 -24.21 -5.45
C ALA D 45 2.73 -24.44 -3.97
N CYS D 46 3.11 -25.60 -3.44
CA CYS D 46 2.96 -25.76 -2.00
C CYS D 46 4.11 -24.98 -1.37
N LYS D 47 3.79 -24.20 -0.32
CA LYS D 47 4.75 -23.38 0.42
C LYS D 47 5.46 -24.22 1.47
N SER D 48 6.55 -23.71 2.06
CA SER D 48 7.38 -24.40 3.03
C SER D 48 6.66 -24.98 4.26
N ASP D 49 5.45 -24.49 4.57
CA ASP D 49 4.64 -24.89 5.74
C ASP D 49 3.65 -25.97 5.39
N GLU D 50 3.60 -26.33 4.11
CA GLU D 50 2.67 -27.32 3.55
C GLU D 50 3.40 -28.53 2.97
N GLU D 51 2.63 -29.60 2.70
CA GLU D 51 3.08 -30.81 2.06
C GLU D 51 2.16 -30.99 0.86
N GLU D 52 2.69 -31.51 -0.26
CA GLU D 52 1.90 -31.75 -1.47
C GLU D 52 1.23 -33.11 -1.39
N ARG D 53 -0.11 -33.14 -1.45
CA ARG D 53 -0.88 -34.36 -1.38
C ARG D 53 -0.92 -35.00 -2.77
N SER D 54 -1.11 -34.17 -3.81
CA SER D 54 -1.17 -34.62 -5.19
C SER D 54 -0.66 -33.51 -6.09
N PRO D 55 0.06 -33.85 -7.19
CA PRO D 55 0.59 -32.82 -8.07
C PRO D 55 -0.45 -32.22 -9.01
N CYS D 56 -0.04 -31.12 -9.66
CA CYS D 56 -0.83 -30.42 -10.65
C CYS D 56 -0.86 -31.28 -11.91
N THR D 57 -2.03 -31.38 -12.54
CA THR D 57 -2.23 -32.05 -13.82
C THR D 57 -2.90 -31.00 -14.71
N THR D 58 -3.03 -31.27 -16.01
CA THR D 58 -3.66 -30.31 -16.92
C THR D 58 -5.12 -30.09 -16.57
N THR D 59 -5.65 -30.93 -15.67
CA THR D 59 -7.06 -30.84 -15.32
C THR D 59 -7.31 -30.62 -13.86
N ARG D 60 -6.29 -30.65 -13.03
CA ARG D 60 -6.47 -30.52 -11.59
C ARG D 60 -5.31 -29.69 -11.00
N ASN D 61 -5.63 -28.70 -10.15
CA ASN D 61 -4.58 -27.91 -9.51
C ASN D 61 -3.93 -28.76 -8.46
N THR D 62 -2.72 -28.39 -8.04
CA THR D 62 -1.99 -29.08 -6.96
C THR D 62 -2.87 -29.12 -5.72
N ALA D 63 -2.69 -30.11 -4.86
CA ALA D 63 -3.44 -30.19 -3.60
C ALA D 63 -2.43 -30.16 -2.47
N CYS D 64 -2.51 -29.11 -1.66
CA CYS D 64 -1.57 -28.93 -0.56
C CYS D 64 -2.30 -29.12 0.76
N GLN D 65 -1.55 -29.39 1.80
CA GLN D 65 -2.10 -29.58 3.13
C GLN D 65 -1.06 -29.10 4.13
N CYS D 66 -1.54 -28.51 5.25
CA CYS D 66 -0.63 -28.08 6.30
C CYS D 66 0.19 -29.23 6.84
N LYS D 67 1.42 -28.95 7.24
CA LYS D 67 2.29 -29.95 7.84
C LYS D 67 1.70 -30.40 9.23
N PRO D 68 1.96 -31.66 9.68
CA PRO D 68 1.39 -32.10 10.97
C PRO D 68 1.70 -31.16 12.13
N GLY D 69 0.67 -30.89 12.92
CA GLY D 69 0.80 -30.01 14.07
C GLY D 69 0.31 -28.60 13.81
N THR D 70 0.06 -28.28 12.53
CA THR D 70 -0.40 -26.97 12.10
C THR D 70 -1.70 -27.08 11.34
N PHE D 71 -2.41 -25.95 11.18
CA PHE D 71 -3.68 -25.94 10.47
C PHE D 71 -3.95 -24.62 9.75
N ARG D 72 -5.00 -24.62 8.91
CA ARG D 72 -5.44 -23.46 8.17
C ARG D 72 -6.98 -23.44 8.26
N ASN D 73 -7.56 -22.43 8.92
CA ASN D 73 -9.00 -22.14 9.02
C ASN D 73 -9.40 -21.11 7.86
N ASP D 74 -10.71 -20.88 7.68
CA ASP D 74 -11.24 -19.92 6.69
C ASP D 74 -10.64 -18.50 6.80
N ASN D 75 -10.27 -18.06 8.03
CA ASN D 75 -9.69 -16.74 8.33
C ASN D 75 -8.17 -16.74 8.43
N SER D 76 -7.55 -17.87 8.10
CA SER D 76 -6.09 -18.02 8.12
C SER D 76 -5.63 -18.87 6.96
N ALA D 77 -5.99 -18.42 5.75
CA ALA D 77 -5.68 -19.04 4.50
C ALA D 77 -4.23 -18.84 4.04
N GLU D 78 -3.51 -17.88 4.63
CA GLU D 78 -2.15 -17.64 4.16
C GLU D 78 -1.04 -18.52 4.75
N MET D 79 -1.01 -18.65 6.05
CA MET D 79 0.04 -19.38 6.69
C MET D 79 -0.58 -20.40 7.65
N CYS D 80 0.05 -21.58 7.75
CA CYS D 80 -0.43 -22.61 8.65
C CYS D 80 -0.10 -22.12 10.04
N ARG D 81 -1.05 -22.30 10.98
CA ARG D 81 -0.90 -21.87 12.37
C ARG D 81 -0.70 -23.08 13.26
N LYS D 82 0.12 -22.95 14.32
CA LYS D 82 0.34 -24.05 15.27
C LYS D 82 -0.96 -24.30 16.02
N CYS D 83 -1.34 -25.59 16.14
CA CYS D 83 -2.56 -26.00 16.85
C CYS D 83 -2.45 -25.63 18.31
N SER D 84 -3.55 -25.21 18.94
CA SER D 84 -3.54 -24.87 20.38
C SER D 84 -3.28 -26.12 21.21
N THR D 85 -2.40 -26.00 22.21
CA THR D 85 -1.99 -27.11 23.07
C THR D 85 -3.11 -27.57 23.99
N GLY D 86 -3.81 -26.61 24.59
CA GLY D 86 -4.91 -26.91 25.48
C GLY D 86 -6.09 -25.97 25.35
N CYS D 87 -7.18 -26.37 26.04
CA CYS D 87 -8.40 -25.59 26.11
C CYS D 87 -8.26 -24.63 27.27
N PRO D 88 -8.93 -23.46 27.23
CA PRO D 88 -8.84 -22.54 28.38
C PRO D 88 -9.43 -23.14 29.66
N ARG D 89 -9.15 -22.49 30.82
CA ARG D 89 -9.61 -22.92 32.14
C ARG D 89 -11.13 -23.15 32.19
N GLY D 90 -11.52 -24.39 32.50
CA GLY D 90 -12.92 -24.79 32.62
C GLY D 90 -13.60 -25.32 31.37
N MET D 91 -12.83 -25.47 30.26
CA MET D 91 -13.34 -26.00 28.99
C MET D 91 -12.66 -27.30 28.62
N VAL D 92 -13.43 -28.23 28.04
CA VAL D 92 -12.92 -29.54 27.63
C VAL D 92 -12.81 -29.67 26.12
N LYS D 93 -11.77 -30.40 25.65
CA LYS D 93 -11.50 -30.63 24.23
C LYS D 93 -12.49 -31.62 23.61
N VAL D 94 -13.53 -31.11 22.91
CA VAL D 94 -14.53 -31.92 22.21
C VAL D 94 -13.95 -32.49 20.93
N LYS D 95 -13.10 -31.71 20.21
CA LYS D 95 -12.48 -32.18 18.97
C LYS D 95 -11.01 -31.83 18.85
N ASP D 96 -10.25 -32.80 18.33
CA ASP D 96 -8.81 -32.70 18.07
C ASP D 96 -8.55 -31.82 16.84
N CYS D 97 -7.32 -31.29 16.70
CA CYS D 97 -7.07 -30.43 15.56
C CYS D 97 -6.78 -31.24 14.30
N THR D 98 -7.17 -30.65 13.15
CA THR D 98 -7.01 -31.22 11.82
C THR D 98 -6.18 -30.27 10.96
N PRO D 99 -5.73 -30.63 9.74
CA PRO D 99 -4.99 -29.66 8.92
C PRO D 99 -5.87 -28.48 8.50
N TRP D 100 -7.18 -28.60 8.74
CA TRP D 100 -8.15 -27.58 8.39
C TRP D 100 -8.88 -27.02 9.59
N SER D 101 -8.41 -27.32 10.81
CA SER D 101 -9.04 -26.74 12.00
C SER D 101 -8.25 -26.90 13.27
N ASP D 102 -8.39 -25.92 14.16
CA ASP D 102 -7.76 -25.99 15.47
C ASP D 102 -8.62 -26.93 16.31
N ILE D 103 -8.21 -27.18 17.57
CA ILE D 103 -8.93 -27.97 18.57
C ILE D 103 -10.27 -27.32 18.88
N GLU D 104 -11.31 -28.14 19.10
CA GLU D 104 -12.63 -27.62 19.47
C GLU D 104 -12.79 -27.78 20.98
N CYS D 105 -13.15 -26.68 21.67
CA CYS D 105 -13.34 -26.65 23.13
C CYS D 105 -14.78 -26.33 23.49
N VAL D 106 -15.38 -27.05 24.46
CA VAL D 106 -16.74 -26.71 24.89
C VAL D 106 -16.92 -26.77 26.40
N GLU E 6 29.97 16.82 -26.63
CA GLU E 6 29.23 15.55 -26.53
C GLU E 6 28.52 15.39 -25.18
N LEU E 7 29.26 15.36 -24.06
CA LEU E 7 28.57 15.19 -22.79
C LEU E 7 28.74 16.35 -21.77
N CYS E 8 27.79 16.49 -20.86
CA CYS E 8 27.96 17.51 -19.85
C CYS E 8 28.86 16.96 -18.74
N PRO E 9 29.84 17.75 -18.26
CA PRO E 9 30.77 17.22 -17.28
C PRO E 9 30.16 16.97 -15.91
N PRO E 10 30.85 16.18 -15.05
CA PRO E 10 30.34 16.01 -13.68
C PRO E 10 30.18 17.38 -13.05
N GLY E 11 29.10 17.57 -12.29
CA GLY E 11 28.80 18.84 -11.65
C GLY E 11 27.86 19.70 -12.45
N SER E 12 27.47 19.20 -13.63
CA SER E 12 26.55 19.85 -14.56
C SER E 12 25.55 18.87 -15.11
N HIS E 13 24.55 19.38 -15.82
CA HIS E 13 23.54 18.60 -16.55
C HIS E 13 23.20 19.37 -17.86
N ARG E 14 22.47 18.75 -18.81
CA ARG E 14 22.10 19.40 -20.08
C ARG E 14 20.92 20.35 -19.92
N SER E 15 20.85 21.38 -20.81
CA SER E 15 19.79 22.39 -20.89
C SER E 15 19.04 22.20 -22.20
N GLU E 16 17.84 22.83 -22.33
CA GLU E 16 16.95 22.78 -23.51
C GLU E 16 17.73 22.99 -24.82
N ARG E 17 18.64 24.00 -24.86
CA ARG E 17 19.55 24.33 -25.96
C ARG E 17 20.51 23.13 -26.15
N PRO E 18 20.34 22.36 -27.26
CA PRO E 18 21.14 21.13 -27.49
C PRO E 18 22.60 21.08 -27.01
N GLY E 19 23.36 22.18 -27.15
CA GLY E 19 24.76 22.20 -26.75
C GLY E 19 25.15 22.86 -25.43
N ALA E 20 24.18 23.19 -24.55
CA ALA E 20 24.47 23.88 -23.27
C ALA E 20 24.36 23.01 -22.01
N CYS E 21 25.21 23.34 -21.03
CA CYS E 21 25.31 22.70 -19.73
C CYS E 21 24.99 23.68 -18.59
N ASN E 22 24.15 23.26 -17.64
CA ASN E 22 23.83 24.04 -16.44
C ASN E 22 24.53 23.37 -15.27
N ARG E 23 25.12 24.17 -14.37
CA ARG E 23 25.82 23.63 -13.21
C ARG E 23 24.83 23.20 -12.14
N CYS E 24 25.14 22.13 -11.41
CA CYS E 24 24.32 21.66 -10.29
C CYS E 24 24.43 22.73 -9.16
N THR E 25 23.44 22.80 -8.27
CA THR E 25 23.42 23.68 -7.09
C THR E 25 24.05 22.90 -5.92
N GLU E 26 25.18 23.43 -5.39
CA GLU E 26 25.91 22.78 -4.30
C GLU E 26 24.98 22.63 -3.11
N GLY E 27 24.99 21.42 -2.54
CA GLY E 27 24.17 21.04 -1.39
C GLY E 27 22.76 20.59 -1.75
N VAL E 28 22.31 20.88 -2.99
CA VAL E 28 20.98 20.51 -3.47
C VAL E 28 21.03 19.26 -4.39
N GLY E 29 21.86 19.31 -5.43
CA GLY E 29 21.97 18.22 -6.39
C GLY E 29 23.37 18.05 -6.92
N TYR E 30 23.59 16.96 -7.64
CA TYR E 30 24.90 16.62 -8.20
C TYR E 30 24.81 15.70 -9.44
N THR E 31 25.97 15.44 -10.06
CA THR E 31 26.16 14.49 -11.14
C THR E 31 27.60 14.00 -10.98
N ASN E 32 27.82 12.66 -10.88
CA ASN E 32 29.16 12.06 -10.72
C ASN E 32 29.84 11.68 -12.02
N ALA E 33 29.12 11.71 -13.15
CA ALA E 33 29.70 11.34 -14.42
C ALA E 33 29.28 12.24 -15.56
N SER E 34 29.99 12.16 -16.68
CA SER E 34 29.63 12.89 -17.89
C SER E 34 28.21 12.41 -18.25
N ASN E 35 27.34 13.33 -18.71
CA ASN E 35 25.95 12.95 -18.91
C ASN E 35 25.16 13.86 -19.83
N ASN E 36 23.88 13.51 -20.06
CA ASN E 36 22.92 14.33 -20.78
C ASN E 36 21.56 14.37 -20.06
N LEU E 37 21.59 14.37 -18.70
CA LEU E 37 20.40 14.43 -17.84
C LEU E 37 19.85 15.86 -17.88
N PHE E 38 18.53 16.00 -17.79
CA PHE E 38 17.91 17.30 -17.83
C PHE E 38 17.82 17.93 -16.43
N ALA E 39 18.29 17.21 -15.41
CA ALA E 39 18.36 17.68 -14.04
C ALA E 39 19.45 16.90 -13.30
N CYS E 40 20.07 17.56 -12.31
CA CYS E 40 21.05 16.93 -11.47
C CYS E 40 20.32 15.99 -10.48
N LEU E 41 21.04 15.03 -9.93
CA LEU E 41 20.50 14.06 -8.98
C LEU E 41 20.43 14.66 -7.58
N PRO E 42 19.32 14.45 -6.85
CA PRO E 42 19.21 15.06 -5.51
C PRO E 42 20.17 14.46 -4.51
N CYS E 43 20.70 15.31 -3.66
CA CYS E 43 21.61 14.92 -2.60
C CYS E 43 20.87 14.08 -1.58
N THR E 44 21.58 13.09 -1.01
CA THR E 44 21.13 12.20 0.05
C THR E 44 21.28 12.94 1.39
N ALA E 45 20.34 12.75 2.30
CA ALA E 45 20.45 13.36 3.61
C ALA E 45 20.87 12.27 4.58
N CYS E 46 21.81 12.54 5.49
CA CYS E 46 22.11 11.54 6.50
C CYS E 46 20.99 11.62 7.51
N LYS E 47 20.48 10.45 7.92
CA LYS E 47 19.38 10.31 8.87
C LYS E 47 19.92 10.36 10.29
N SER E 48 19.04 10.51 11.29
CA SER E 48 19.40 10.64 12.72
C SER E 48 20.30 9.51 13.30
N ASP E 49 20.37 8.33 12.63
CA ASP E 49 21.13 7.15 13.05
C ASP E 49 22.48 7.13 12.43
N GLU E 50 22.75 8.07 11.53
CA GLU E 50 24.00 8.18 10.78
C GLU E 50 24.78 9.46 11.10
N GLU E 51 26.04 9.48 10.67
CA GLU E 51 26.94 10.61 10.79
C GLU E 51 27.39 10.85 9.36
N GLU E 52 27.54 12.14 9.00
CA GLU E 52 28.00 12.51 7.67
C GLU E 52 29.54 12.48 7.61
N ARG E 53 30.09 11.66 6.72
CA ARG E 53 31.52 11.51 6.55
C ARG E 53 31.99 12.64 5.65
N SER E 54 31.22 12.96 4.59
CA SER E 54 31.56 14.03 3.68
C SER E 54 30.28 14.62 3.12
N PRO E 55 30.20 15.95 2.95
CA PRO E 55 28.96 16.55 2.44
C PRO E 55 28.78 16.37 0.94
N CYS E 56 27.58 16.69 0.47
CA CYS E 56 27.22 16.65 -0.93
C CYS E 56 27.93 17.81 -1.61
N THR E 57 28.50 17.55 -2.79
CA THR E 57 29.14 18.55 -3.64
C THR E 57 28.47 18.38 -4.97
N THR E 58 28.73 19.27 -5.91
CA THR E 58 28.07 19.17 -7.22
C THR E 58 28.54 17.92 -7.93
N THR E 59 29.56 17.28 -7.40
CA THR E 59 30.12 16.10 -8.07
C THR E 59 30.10 14.86 -7.27
N ARG E 60 29.76 14.92 -5.99
CA ARG E 60 29.73 13.73 -5.14
C ARG E 60 28.49 13.80 -4.27
N ASN E 61 27.77 12.68 -4.13
CA ASN E 61 26.63 12.62 -3.25
C ASN E 61 27.18 12.56 -1.86
N THR E 62 26.38 12.94 -0.85
CA THR E 62 26.75 12.86 0.56
C THR E 62 27.24 11.45 0.87
N ALA E 63 28.12 11.30 1.83
CA ALA E 63 28.58 9.97 2.24
C ALA E 63 28.24 9.86 3.72
N CYS E 64 27.45 8.85 4.04
CA CYS E 64 26.97 8.67 5.43
C CYS E 64 27.51 7.39 5.97
N GLN E 65 27.54 7.29 7.29
CA GLN E 65 28.03 6.10 7.95
C GLN E 65 27.23 5.95 9.24
N CYS E 66 26.96 4.69 9.62
CA CYS E 66 26.25 4.43 10.87
C CYS E 66 27.00 5.00 12.06
N LYS E 67 26.25 5.46 13.07
CA LYS E 67 26.81 5.97 14.33
C LYS E 67 27.52 4.82 15.09
N PRO E 68 28.59 5.10 15.88
CA PRO E 68 29.31 4.00 16.57
C PRO E 68 28.40 3.12 17.38
N GLY E 69 28.60 1.81 17.26
CA GLY E 69 27.77 0.85 17.97
C GLY E 69 26.68 0.23 17.13
N THR E 70 26.45 0.81 15.95
CA THR E 70 25.42 0.34 15.02
C THR E 70 26.04 0.02 13.68
N PHE E 71 25.34 -0.73 12.82
CA PHE E 71 25.84 -1.08 11.50
C PHE E 71 24.72 -1.22 10.47
N ARG E 72 25.10 -1.28 9.19
CA ARG E 72 24.18 -1.39 8.05
C ARG E 72 24.81 -2.38 7.09
N ASN E 73 23.99 -3.23 6.44
CA ASN E 73 24.50 -4.16 5.42
C ASN E 73 23.56 -4.24 4.22
N ASP E 74 23.89 -5.11 3.26
CA ASP E 74 23.15 -5.29 2.03
C ASP E 74 21.62 -5.51 2.22
N ASN E 75 21.23 -6.29 3.28
CA ASN E 75 19.84 -6.60 3.61
C ASN E 75 19.21 -5.68 4.65
N SER E 76 19.94 -4.64 5.06
CA SER E 76 19.48 -3.68 6.06
C SER E 76 19.95 -2.29 5.68
N ALA E 77 19.58 -1.84 4.48
CA ALA E 77 19.95 -0.56 3.94
C ALA E 77 19.18 0.61 4.52
N GLU E 78 18.06 0.37 5.19
CA GLU E 78 17.29 1.51 5.66
C GLU E 78 17.66 2.08 7.00
N MET E 79 17.87 1.22 8.00
CA MET E 79 18.13 1.68 9.34
C MET E 79 19.37 0.98 9.87
N CYS E 80 20.18 1.70 10.65
CA CYS E 80 21.36 1.13 11.29
C CYS E 80 20.83 0.23 12.39
N ARG E 81 21.44 -0.95 12.56
CA ARG E 81 21.04 -1.92 13.56
C ARG E 81 22.08 -1.95 14.66
N LYS E 82 21.65 -2.14 15.92
CA LYS E 82 22.59 -2.26 17.05
C LYS E 82 23.40 -3.52 16.88
N CYS E 83 24.72 -3.43 17.07
CA CYS E 83 25.64 -4.56 16.96
C CYS E 83 25.32 -5.57 18.05
N SER E 84 25.37 -6.88 17.72
CA SER E 84 25.09 -7.94 18.69
C SER E 84 26.10 -7.91 19.82
N THR E 85 25.62 -8.02 21.06
CA THR E 85 26.43 -8.01 22.28
C THR E 85 27.28 -9.27 22.42
N GLY E 86 26.69 -10.44 22.11
CA GLY E 86 27.37 -11.73 22.18
C GLY E 86 27.06 -12.68 21.06
N CYS E 87 27.76 -13.84 21.04
CA CYS E 87 27.59 -14.87 20.01
C CYS E 87 26.58 -15.94 20.39
N MET E 91 29.66 -20.50 20.34
CA MET E 91 30.49 -19.77 19.38
C MET E 91 31.23 -18.58 20.00
N VAL E 92 32.44 -18.29 19.49
CA VAL E 92 33.27 -17.18 19.98
C VAL E 92 33.39 -16.06 18.94
N LYS E 93 33.54 -14.81 19.40
CA LYS E 93 33.66 -13.64 18.52
C LYS E 93 35.03 -13.58 17.81
N VAL E 94 35.08 -13.99 16.52
CA VAL E 94 36.28 -13.94 15.69
C VAL E 94 36.55 -12.50 15.23
N LYS E 95 35.48 -11.75 14.88
CA LYS E 95 35.62 -10.35 14.44
C LYS E 95 34.63 -9.40 15.06
N ASP E 96 35.12 -8.20 15.37
CA ASP E 96 34.38 -7.07 15.95
C ASP E 96 33.46 -6.46 14.89
N CYS E 97 32.43 -5.74 15.35
CA CYS E 97 31.53 -5.14 14.41
C CYS E 97 32.07 -3.81 13.83
N THR E 98 31.68 -3.53 12.58
CA THR E 98 32.08 -2.34 11.83
C THR E 98 30.82 -1.55 11.45
N PRO E 99 30.91 -0.33 10.87
CA PRO E 99 29.69 0.37 10.46
C PRO E 99 28.99 -0.35 9.32
N TRP E 100 29.67 -1.34 8.73
CA TRP E 100 29.14 -2.10 7.61
C TRP E 100 28.97 -3.57 7.93
N SER E 101 29.14 -3.97 9.20
CA SER E 101 28.93 -5.38 9.56
C SER E 101 28.78 -5.65 11.04
N ASP E 102 27.98 -6.67 11.36
CA ASP E 102 27.83 -7.09 12.75
C ASP E 102 29.08 -7.89 13.11
N ILE E 103 29.14 -8.36 14.37
CA ILE E 103 30.20 -9.20 14.92
C ILE E 103 30.26 -10.52 14.16
N GLU E 104 31.48 -11.06 13.95
CA GLU E 104 31.66 -12.35 13.30
C GLU E 104 31.87 -13.40 14.39
N CYS E 105 31.08 -14.49 14.32
CA CYS E 105 31.13 -15.59 15.29
C CYS E 105 31.67 -16.88 14.70
N VAL E 106 32.65 -17.47 15.40
CA VAL E 106 33.38 -18.69 15.04
C VAL E 106 32.95 -19.86 15.93
N GLU F 6 -27.16 31.07 -5.69
CA GLU F 6 -26.71 29.78 -6.23
C GLU F 6 -26.13 28.87 -5.13
N LEU F 7 -26.53 29.13 -3.87
CA LEU F 7 -26.08 28.32 -2.74
C LEU F 7 -27.25 27.74 -1.97
N CYS F 8 -27.16 26.46 -1.64
CA CYS F 8 -28.16 25.76 -0.86
C CYS F 8 -27.89 25.97 0.61
N PRO F 9 -28.95 26.01 1.44
CA PRO F 9 -28.73 26.24 2.87
C PRO F 9 -28.22 25.02 3.63
N PRO F 10 -27.68 25.18 4.86
CA PRO F 10 -27.25 24.01 5.63
C PRO F 10 -28.41 23.03 5.73
N GLY F 11 -28.12 21.74 5.62
CA GLY F 11 -29.14 20.70 5.65
C GLY F 11 -29.63 20.32 4.27
N SER F 12 -29.07 20.96 3.22
CA SER F 12 -29.40 20.72 1.82
C SER F 12 -28.17 20.86 0.92
N HIS F 13 -28.22 20.26 -0.28
CA HIS F 13 -27.16 20.31 -1.30
C HIS F 13 -27.81 20.65 -2.66
N ARG F 14 -27.01 20.95 -3.71
CA ARG F 14 -27.53 21.27 -5.04
C ARG F 14 -27.93 20.03 -5.84
N SER F 15 -28.88 20.17 -6.79
CA SER F 15 -29.35 19.07 -7.65
C SER F 15 -28.76 19.18 -9.06
N GLU F 16 -29.22 18.32 -9.99
CA GLU F 16 -28.85 18.37 -11.42
C GLU F 16 -29.49 19.63 -12.06
N ARG F 17 -30.80 19.91 -11.73
CA ARG F 17 -31.60 21.07 -12.15
C ARG F 17 -30.92 22.35 -11.59
N PRO F 18 -30.29 23.17 -12.48
CA PRO F 18 -29.50 24.33 -12.03
C PRO F 18 -29.98 25.13 -10.81
N GLY F 19 -31.28 25.33 -10.64
CA GLY F 19 -31.79 26.10 -9.51
C GLY F 19 -32.40 25.37 -8.32
N ALA F 20 -32.20 24.03 -8.19
CA ALA F 20 -32.82 23.26 -7.12
C ALA F 20 -31.87 22.77 -6.02
N CYS F 21 -32.46 22.62 -4.82
CA CYS F 21 -31.82 22.13 -3.60
C CYS F 21 -32.52 20.85 -3.11
N ASN F 22 -31.74 19.81 -2.78
CA ASN F 22 -32.28 18.58 -2.19
C ASN F 22 -31.86 18.58 -0.72
N ARG F 23 -32.77 18.15 0.16
CA ARG F 23 -32.50 18.10 1.59
C ARG F 23 -31.65 16.88 1.90
N CYS F 24 -30.75 16.99 2.90
CA CYS F 24 -29.93 15.86 3.32
C CYS F 24 -30.87 14.87 4.02
N THR F 25 -30.49 13.58 4.03
CA THR F 25 -31.23 12.51 4.71
C THR F 25 -30.72 12.41 6.16
N GLU F 26 -31.61 12.70 7.13
CA GLU F 26 -31.26 12.66 8.55
C GLU F 26 -30.71 11.30 8.91
N GLY F 27 -29.57 11.31 9.60
CA GLY F 27 -28.88 10.11 10.02
C GLY F 27 -27.95 9.52 8.98
N VAL F 28 -28.05 9.96 7.74
CA VAL F 28 -27.21 9.47 6.64
C VAL F 28 -26.14 10.49 6.22
N GLY F 29 -26.56 11.72 5.94
CA GLY F 29 -25.64 12.77 5.52
C GLY F 29 -26.06 14.13 6.02
N TYR F 30 -25.17 15.12 5.85
CA TYR F 30 -25.41 16.48 6.30
C TYR F 30 -24.58 17.51 5.52
N THR F 31 -24.80 18.81 5.83
CA THR F 31 -24.05 19.96 5.31
C THR F 31 -24.17 21.01 6.39
N ASN F 32 -23.03 21.54 6.86
CA ASN F 32 -22.91 22.53 7.93
C ASN F 32 -22.94 23.99 7.45
N ALA F 33 -22.78 24.24 6.13
CA ALA F 33 -22.79 25.60 5.63
C ALA F 33 -23.49 25.73 4.31
N SER F 34 -23.76 26.99 3.90
CA SER F 34 -24.38 27.27 2.61
C SER F 34 -23.43 26.66 1.57
N ASN F 35 -23.96 26.02 0.52
CA ASN F 35 -23.06 25.33 -0.41
C ASN F 35 -23.65 25.05 -1.79
N ASN F 36 -22.81 24.45 -2.65
CA ASN F 36 -23.28 23.96 -3.94
C ASN F 36 -22.66 22.58 -4.23
N LEU F 37 -22.62 21.72 -3.20
CA LEU F 37 -22.17 20.33 -3.28
C LEU F 37 -23.26 19.52 -3.95
N PHE F 38 -22.87 18.51 -4.72
CA PHE F 38 -23.84 17.68 -5.42
C PHE F 38 -24.30 16.50 -4.57
N ALA F 39 -23.75 16.40 -3.35
CA ALA F 39 -24.14 15.40 -2.36
C ALA F 39 -23.82 15.93 -0.97
N CYS F 40 -24.61 15.50 0.02
CA CYS F 40 -24.37 15.87 1.41
C CYS F 40 -23.18 15.03 1.90
N LEU F 41 -22.51 15.49 2.97
CA LEU F 41 -21.37 14.81 3.56
C LEU F 41 -21.82 13.66 4.43
N PRO F 42 -21.18 12.46 4.31
CA PRO F 42 -21.62 11.32 5.11
C PRO F 42 -21.37 11.51 6.59
N CYS F 43 -22.33 11.02 7.37
CA CYS F 43 -22.26 11.04 8.82
C CYS F 43 -21.17 10.12 9.28
N THR F 44 -20.51 10.51 10.37
CA THR F 44 -19.48 9.75 11.06
C THR F 44 -20.16 8.73 11.96
N ALA F 45 -19.61 7.52 12.05
CA ALA F 45 -20.15 6.51 12.95
C ALA F 45 -19.27 6.45 14.19
N CYS F 46 -19.86 6.37 15.39
CA CYS F 46 -19.01 6.20 16.56
C CYS F 46 -18.58 4.73 16.57
N LYS F 47 -17.30 4.49 16.81
CA LYS F 47 -16.70 3.16 16.83
C LYS F 47 -16.84 2.54 18.22
N SER F 48 -16.52 1.23 18.35
CA SER F 48 -16.64 0.48 19.60
C SER F 48 -15.89 1.06 20.84
N ASP F 49 -14.90 1.95 20.61
CA ASP F 49 -14.06 2.56 21.63
C ASP F 49 -14.59 3.90 22.06
N GLU F 50 -15.66 4.36 21.39
CA GLU F 50 -16.30 5.65 21.63
C GLU F 50 -17.76 5.52 22.11
N GLU F 51 -18.32 6.64 22.57
CA GLU F 51 -19.71 6.80 22.97
C GLU F 51 -20.23 8.01 22.17
N GLU F 52 -21.50 7.99 21.75
CA GLU F 52 -22.08 9.10 20.98
C GLU F 52 -22.61 10.19 21.92
N ARG F 53 -22.13 11.42 21.77
CA ARG F 53 -22.56 12.53 22.60
C ARG F 53 -23.81 13.14 22.00
N SER F 54 -23.83 13.27 20.67
CA SER F 54 -24.97 13.81 19.95
C SER F 54 -25.05 13.17 18.58
N PRO F 55 -26.27 12.88 18.09
CA PRO F 55 -26.39 12.21 16.78
C PRO F 55 -26.17 13.15 15.62
N CYS F 56 -26.07 12.54 14.43
CA CYS F 56 -25.92 13.25 13.17
C CYS F 56 -27.29 13.85 12.85
N THR F 57 -27.31 15.09 12.39
CA THR F 57 -28.51 15.77 11.95
C THR F 57 -28.18 16.24 10.56
N THR F 58 -29.16 16.68 9.80
CA THR F 58 -28.93 17.18 8.44
C THR F 58 -27.98 18.39 8.48
N THR F 59 -27.71 18.96 9.66
CA THR F 59 -26.85 20.14 9.75
C THR F 59 -25.61 19.98 10.60
N ARG F 60 -25.47 18.89 11.34
CA ARG F 60 -24.30 18.67 12.19
C ARG F 60 -23.89 17.21 12.10
N ASN F 61 -22.57 16.96 12.02
CA ASN F 61 -22.07 15.60 11.98
C ASN F 61 -22.17 15.05 13.39
N THR F 62 -22.17 13.72 13.54
CA THR F 62 -22.19 13.04 14.83
C THR F 62 -21.06 13.57 15.69
N ALA F 63 -21.23 13.54 17.01
CA ALA F 63 -20.16 13.96 17.91
C ALA F 63 -19.90 12.75 18.80
N CYS F 64 -18.66 12.26 18.73
CA CYS F 64 -18.27 11.08 19.48
C CYS F 64 -17.28 11.47 20.53
N GLN F 65 -17.10 10.62 21.52
CA GLN F 65 -16.19 10.87 22.58
C GLN F 65 -15.62 9.53 23.02
N CYS F 66 -14.34 9.51 23.38
CA CYS F 66 -13.70 8.31 23.87
C CYS F 66 -14.36 7.81 25.13
N LYS F 67 -14.36 6.49 25.30
CA LYS F 67 -14.89 5.86 26.48
C LYS F 67 -13.97 6.20 27.73
N PRO F 68 -14.56 6.25 28.97
CA PRO F 68 -13.74 6.64 30.14
C PRO F 68 -12.45 5.89 30.29
N GLY F 69 -11.37 6.63 30.56
CA GLY F 69 -10.04 6.04 30.76
C GLY F 69 -9.15 6.11 29.54
N THR F 70 -9.75 6.48 28.40
CA THR F 70 -9.06 6.56 27.13
C THR F 70 -9.19 7.95 26.54
N PHE F 71 -8.36 8.28 25.55
CA PHE F 71 -8.41 9.59 24.90
C PHE F 71 -7.99 9.52 23.44
N ARG F 72 -8.28 10.59 22.73
CA ARG F 72 -7.89 10.73 21.36
C ARG F 72 -7.31 12.13 21.22
N ASN F 73 -6.12 12.26 20.65
CA ASN F 73 -5.55 13.59 20.41
C ASN F 73 -5.12 13.75 18.95
N ASP F 74 -4.53 14.91 18.63
CA ASP F 74 -4.06 15.27 17.29
C ASP F 74 -3.22 14.17 16.59
N ASN F 75 -2.32 13.48 17.33
CA ASN F 75 -1.46 12.44 16.75
C ASN F 75 -1.97 11.02 16.90
N SER F 76 -3.20 10.87 17.36
CA SER F 76 -3.79 9.55 17.56
C SER F 76 -5.30 9.61 17.28
N ALA F 77 -5.67 10.11 16.09
CA ALA F 77 -7.04 10.35 15.72
C ALA F 77 -7.83 9.11 15.38
N GLU F 78 -7.19 7.95 15.18
CA GLU F 78 -7.99 6.79 14.80
C GLU F 78 -8.58 5.95 15.94
N MET F 79 -7.79 5.67 16.95
CA MET F 79 -8.21 4.79 18.00
C MET F 79 -7.96 5.48 19.33
N CYS F 80 -8.86 5.27 20.30
CA CYS F 80 -8.72 5.86 21.62
C CYS F 80 -7.59 5.11 22.27
N ARG F 81 -6.72 5.83 22.97
CA ARG F 81 -5.54 5.27 23.64
C ARG F 81 -5.75 5.33 25.13
N LYS F 82 -5.23 4.34 25.88
CA LYS F 82 -5.31 4.34 27.34
C LYS F 82 -4.47 5.49 27.85
N CYS F 83 -5.01 6.26 28.81
CA CYS F 83 -4.29 7.39 29.42
C CYS F 83 -3.01 6.92 30.12
N SER F 84 -1.91 7.69 30.00
CA SER F 84 -0.61 7.33 30.60
C SER F 84 -0.72 7.30 32.10
N THR F 85 -0.10 6.26 32.68
CA THR F 85 -0.08 6.00 34.12
C THR F 85 0.71 7.04 34.90
N GLY F 86 1.88 7.38 34.39
CA GLY F 86 2.72 8.36 35.04
C GLY F 86 3.42 9.31 34.10
N CYS F 87 4.12 10.26 34.68
CA CYS F 87 4.86 11.24 33.94
C CYS F 87 6.27 10.73 33.67
N PRO F 88 6.90 11.17 32.58
CA PRO F 88 8.29 10.76 32.32
C PRO F 88 9.27 11.24 33.39
N ARG F 89 10.51 10.73 33.32
CA ARG F 89 11.65 10.99 34.20
C ARG F 89 11.87 12.49 34.41
N GLY F 90 11.67 12.94 35.66
CA GLY F 90 11.89 14.33 36.05
C GLY F 90 10.72 15.28 35.95
N MET F 91 9.52 14.75 35.60
CA MET F 91 8.29 15.55 35.44
C MET F 91 7.19 15.15 36.44
N VAL F 92 6.35 16.15 36.87
CA VAL F 92 5.36 16.08 37.97
C VAL F 92 3.95 15.43 37.68
N LYS F 93 2.98 16.16 37.03
CA LYS F 93 1.57 15.81 36.67
C LYS F 93 0.62 16.91 37.03
N VAL F 94 0.61 17.94 36.20
CA VAL F 94 -0.16 19.16 36.36
C VAL F 94 -1.62 19.01 35.91
N LYS F 95 -1.89 18.20 34.88
CA LYS F 95 -3.28 18.02 34.45
C LYS F 95 -3.61 16.56 34.16
N ASP F 96 -4.82 16.20 34.58
CA ASP F 96 -5.41 14.88 34.41
C ASP F 96 -5.83 14.69 32.95
N CYS F 97 -6.00 13.45 32.54
CA CYS F 97 -6.37 13.21 31.17
C CYS F 97 -7.88 13.43 30.92
N THR F 98 -8.20 13.83 29.68
CA THR F 98 -9.55 14.14 29.21
C THR F 98 -9.86 13.24 28.04
N PRO F 99 -11.09 13.20 27.49
CA PRO F 99 -11.33 12.35 26.32
C PRO F 99 -10.58 12.84 25.08
N TRP F 100 -10.02 14.04 25.17
CA TRP F 100 -9.28 14.67 24.10
C TRP F 100 -7.84 14.93 24.42
N SER F 101 -7.35 14.38 25.53
CA SER F 101 -5.94 14.57 25.88
C SER F 101 -5.44 13.66 26.93
N ASP F 102 -4.16 13.30 26.80
CA ASP F 102 -3.49 12.49 27.80
C ASP F 102 -3.18 13.44 28.95
N ILE F 103 -2.55 12.89 30.01
CA ILE F 103 -2.09 13.61 31.20
C ILE F 103 -1.10 14.70 30.79
N GLU F 104 -1.15 15.87 31.48
CA GLU F 104 -0.21 16.97 31.23
C GLU F 104 0.88 16.89 32.28
N CYS F 105 2.14 16.87 31.82
CA CYS F 105 3.33 16.79 32.66
C CYS F 105 4.20 18.04 32.53
N VAL F 106 4.71 18.56 33.65
CA VAL F 106 5.55 19.75 33.59
C VAL F 106 6.92 19.52 34.26
N HIS F 107 7.92 20.37 33.91
CA HIS F 107 9.34 20.39 34.32
C HIS F 107 10.19 19.47 33.42
#